data_6QUD
#
_entry.id   6QUD
#
_cell.length_a   70.210
_cell.length_b   53.920
_cell.length_c   112.620
_cell.angle_alpha   90.00
_cell.angle_beta   106.59
_cell.angle_gamma   90.00
#
_symmetry.space_group_name_H-M   'P 1 21 1'
#
loop_
_entity.id
_entity.type
_entity.pdbx_description
1 polymer Beta-galactosidase
2 non-polymer 2-deoxy-alpha-D-galactopyranose
3 non-polymer 'CALCIUM ION'
4 water water
#
_entity_poly.entity_id   1
_entity_poly.type   'polypeptide(L)'
_entity_poly.pdbx_seq_one_letter_code
;VEDATRSDSTTQMSSTPEVVYSSAVDSKQNRTSDFDANWKFMLSDSVQAQDPAFDDSAWQQVDLPHDYSITQKYSQSNEA
ESAYLPGGTGWYRKSFTIDRDLAGKRIAINFDGVYMNATVWFNGVKLGTHPYGYSPFSFDLTGNAKFGGENTIVVKVENR
LPSSRWYSGSGIYRDVTLTVTDGVHVGNNGVAIKTPSLATQNGGDVTMNLTTKVANDTEAAANITLKQTVFPKGGKTDAA
IGTVTTASKSIAAGASADVTSTITAASPKLWSIKNPNLYTVRTEVLNGGKVLDTYDTEYGFRWTGFDATSGFSLNGEKVK
LKGVSMHHDQGSLGAVANRRAIERQVEILQKMGVNSIRTTHNPAAKALIDVCNEKGVLVVEEVFDMWNRSKNGNTEDYGK
WFGQAIAGDNAVLGGDKDETWAKFDLTSTINRDRNAPSVIMWSLGNEMMEGISGSVSGFPATSAKLVAWTKAADSTRPMT
YGDNKIKANWNESNTMGDNLTANGGVVGTNYSDGANYDKIRTTHPSWAIYGSETASAINSRGIYNRTTGGAQSSDKQLTS
YDNSAVGWGAVASSAWYDVVQRDFVAGTYVWTGFDYLGEPTPWNGTGSGAVGSWPSPKNSYFGIVDTAGFPKDTYYFYQS
QWNDDVHTLHILPAWNENVVAKGSGNNVPVVVYTDAAKVKLYFTPKGSTEKRLIGEKSFTKKTTAAGYTYQVYEGSDKDS
TAHKNMYLTWNVPWAEGTISAEAYDENNRLIPEGSTEGNASVTTTGKAAKLKADADRKTITADGKDLSYIEVDVTDANGH
IVPDAANRVTFDVKGAGKLVGVDNGSSPDHDSYQADNRKAFSGKVLAIVQSTKEAGEITVTAKADGLQSSTVKIATTAVP
GTSTE
;
_entity_poly.pdbx_strand_id   A
#
# COMPACT_ATOMS: atom_id res chain seq x y z
N ALA A 24 -4.02 -31.71 -4.91
CA ALA A 24 -3.44 -32.53 -3.86
C ALA A 24 -3.79 -31.99 -2.49
N VAL A 25 -5.09 -31.93 -2.20
CA VAL A 25 -5.60 -31.43 -0.93
C VAL A 25 -5.94 -32.63 -0.04
N ASP A 26 -5.35 -32.68 1.14
CA ASP A 26 -5.55 -33.78 2.08
C ASP A 26 -5.48 -33.23 3.50
N SER A 27 -5.33 -34.11 4.47
CA SER A 27 -5.29 -33.73 5.89
C SER A 27 -3.93 -33.20 6.33
N LYS A 28 -2.92 -33.22 5.47
CA LYS A 28 -1.60 -32.76 5.87
C LYS A 28 -1.55 -31.23 5.97
N GLN A 29 -2.40 -30.54 5.21
CA GLN A 29 -2.36 -29.09 5.16
C GLN A 29 -3.00 -28.48 6.40
N ASN A 30 -2.64 -27.23 6.66
CA ASN A 30 -3.19 -26.50 7.79
C ASN A 30 -4.67 -26.23 7.59
N ARG A 31 -5.31 -25.67 8.62
CA ARG A 31 -6.72 -25.29 8.54
C ARG A 31 -6.98 -24.40 7.34
N THR A 32 -6.13 -23.39 7.16
CA THR A 32 -6.14 -22.54 5.97
C THR A 32 -4.80 -22.69 5.28
N SER A 33 -4.82 -23.07 4.00
CA SER A 33 -3.59 -23.39 3.28
C SER A 33 -3.54 -22.65 1.96
N ASP A 34 -2.31 -22.39 1.50
CA ASP A 34 -2.07 -21.69 0.26
C ASP A 34 -2.60 -22.50 -0.93
N PHE A 35 -3.37 -21.84 -1.78
CA PHE A 35 -3.98 -22.46 -2.96
C PHE A 35 -3.58 -21.75 -4.24
N ASP A 36 -2.41 -21.11 -4.24
CA ASP A 36 -1.99 -20.27 -5.37
C ASP A 36 -1.43 -21.06 -6.54
N ALA A 37 -0.84 -22.22 -6.29
CA ALA A 37 -0.02 -22.88 -7.31
C ALA A 37 -0.88 -23.64 -8.32
N ASN A 38 -0.34 -23.76 -9.54
CA ASN A 38 -0.79 -24.73 -10.54
C ASN A 38 -2.21 -24.44 -11.05
N TRP A 39 -2.44 -23.21 -11.48
CA TRP A 39 -3.66 -22.86 -12.19
C TRP A 39 -3.40 -22.82 -13.69
N LYS A 40 -4.47 -22.97 -14.46
CA LYS A 40 -4.45 -22.75 -15.90
C LYS A 40 -5.18 -21.46 -16.22
N PHE A 41 -4.65 -20.68 -17.17
CA PHE A 41 -5.25 -19.41 -17.52
C PHE A 41 -5.41 -19.28 -19.04
N MET A 42 -6.49 -18.62 -19.45
CA MET A 42 -6.73 -18.32 -20.86
C MET A 42 -7.49 -17.00 -20.96
N LEU A 43 -6.96 -16.09 -21.76
CA LEU A 43 -7.65 -14.84 -22.07
C LEU A 43 -8.53 -15.08 -23.30
N SER A 44 -9.85 -14.97 -23.10
CA SER A 44 -10.78 -15.19 -24.21
C SER A 44 -12.19 -14.72 -23.86
N ASP A 45 -12.82 -14.00 -24.78
CA ASP A 45 -14.18 -13.52 -24.62
C ASP A 45 -15.21 -14.48 -25.19
N SER A 46 -14.78 -15.61 -25.75
CA SER A 46 -15.70 -16.54 -26.41
C SER A 46 -15.76 -17.91 -25.76
N VAL A 47 -14.69 -18.37 -25.11
CA VAL A 47 -14.68 -19.73 -24.57
C VAL A 47 -15.72 -19.87 -23.47
N GLN A 48 -16.19 -21.10 -23.27
CA GLN A 48 -17.05 -21.49 -22.16
C GLN A 48 -16.36 -22.69 -21.51
N ALA A 49 -15.60 -22.43 -20.45
CA ALA A 49 -14.69 -23.42 -19.89
C ALA A 49 -15.06 -23.81 -18.46
N GLN A 50 -16.36 -23.81 -18.13
CA GLN A 50 -16.77 -24.14 -16.78
C GLN A 50 -16.85 -25.65 -16.55
N ASP A 51 -17.01 -26.45 -17.60
CA ASP A 51 -17.19 -27.88 -17.42
C ASP A 51 -15.85 -28.53 -17.04
N PRO A 52 -15.86 -29.48 -16.10
CA PRO A 52 -14.59 -30.14 -15.71
C PRO A 52 -13.88 -30.82 -16.88
N ALA A 53 -14.63 -31.38 -17.83
CA ALA A 53 -14.03 -32.11 -18.94
C ALA A 53 -13.46 -31.19 -20.02
N PHE A 54 -13.46 -29.88 -19.81
CA PHE A 54 -12.90 -28.96 -20.80
C PHE A 54 -11.40 -29.22 -20.97
N ASP A 55 -10.95 -29.27 -22.22
CA ASP A 55 -9.55 -29.50 -22.53
C ASP A 55 -8.79 -28.18 -22.43
N ASP A 56 -8.08 -27.99 -21.32
CA ASP A 56 -7.26 -26.80 -21.09
C ASP A 56 -5.77 -27.11 -21.15
N SER A 57 -5.39 -28.13 -21.91
CA SER A 57 -3.99 -28.53 -21.97
C SER A 57 -3.11 -27.51 -22.69
N ALA A 58 -3.70 -26.64 -23.51
CA ALA A 58 -2.95 -25.62 -24.22
C ALA A 58 -3.00 -24.26 -23.53
N TRP A 59 -3.59 -24.18 -22.34
CA TRP A 59 -3.66 -22.92 -21.60
C TRP A 59 -2.31 -22.60 -20.94
N GLN A 60 -2.17 -21.35 -20.54
CA GLN A 60 -0.99 -20.93 -19.78
C GLN A 60 -1.03 -21.49 -18.36
N GLN A 61 0.13 -21.91 -17.87
CA GLN A 61 0.27 -22.39 -16.50
C GLN A 61 0.81 -21.25 -15.64
N VAL A 62 0.07 -20.87 -14.61
CA VAL A 62 0.40 -19.70 -13.81
C VAL A 62 0.26 -20.03 -12.32
N ASP A 63 1.09 -19.37 -11.51
CA ASP A 63 0.95 -19.33 -10.07
C ASP A 63 0.33 -17.99 -9.68
N LEU A 64 -0.73 -18.04 -8.88
CA LEU A 64 -1.37 -16.83 -8.38
C LEU A 64 -0.51 -16.20 -7.28
N PRO A 65 -0.67 -14.89 -7.02
CA PRO A 65 -1.50 -13.88 -7.70
C PRO A 65 -1.05 -13.59 -9.13
N HIS A 66 -2.00 -13.12 -9.95
CA HIS A 66 -1.82 -13.02 -11.38
C HIS A 66 -2.61 -11.83 -11.91
N ASP A 67 -2.03 -11.10 -12.85
CA ASP A 67 -2.64 -9.92 -13.46
C ASP A 67 -2.55 -10.10 -14.97
N TYR A 68 -3.69 -10.25 -15.63
CA TYR A 68 -3.64 -10.50 -17.07
C TYR A 68 -3.79 -9.25 -17.91
N SER A 69 -3.87 -8.07 -17.29
CA SER A 69 -3.78 -6.82 -18.04
C SER A 69 -2.33 -6.37 -18.23
N ILE A 70 -1.46 -6.65 -17.25
CA ILE A 70 -0.11 -6.09 -17.27
C ILE A 70 0.75 -6.67 -18.38
N THR A 71 0.38 -7.83 -18.92
CA THR A 71 1.17 -8.46 -19.97
C THR A 71 0.68 -8.15 -21.37
N GLN A 72 -0.46 -7.49 -21.50
CA GLN A 72 -0.95 -7.11 -22.82
C GLN A 72 -0.30 -5.81 -23.27
N LYS A 73 -0.39 -5.56 -24.57
CA LYS A 73 0.27 -4.39 -25.15
C LYS A 73 -0.53 -3.12 -24.90
N TYR A 74 0.20 -2.02 -24.71
CA TYR A 74 -0.44 -0.71 -24.71
C TYR A 74 -1.09 -0.45 -26.06
N SER A 75 -2.16 0.35 -26.04
CA SER A 75 -2.85 0.70 -27.27
C SER A 75 -3.53 2.06 -27.08
N GLN A 76 -3.36 2.96 -28.05
CA GLN A 76 -3.99 4.25 -27.94
C GLN A 76 -5.50 4.20 -28.14
N SER A 77 -6.05 3.05 -28.55
CA SER A 77 -7.48 2.86 -28.54
C SER A 77 -8.03 2.61 -27.14
N ASN A 78 -7.15 2.46 -26.15
CA ASN A 78 -7.53 2.35 -24.75
C ASN A 78 -7.47 3.72 -24.10
N GLU A 79 -7.63 3.77 -22.78
CA GLU A 79 -7.77 5.02 -22.05
C GLU A 79 -6.52 5.33 -21.23
N ALA A 80 -6.12 6.60 -21.23
CA ALA A 80 -4.93 7.00 -20.50
C ALA A 80 -5.09 6.79 -19.00
N GLU A 81 -6.30 7.00 -18.48
CA GLU A 81 -6.50 6.94 -17.03
C GLU A 81 -6.24 5.55 -16.48
N SER A 82 -6.37 4.52 -17.32
CA SER A 82 -6.02 3.15 -16.94
C SER A 82 -4.78 2.65 -17.68
N ALA A 83 -3.85 3.57 -17.98
CA ALA A 83 -2.53 3.26 -18.51
C ALA A 83 -2.54 2.68 -19.91
N TYR A 84 -3.61 2.93 -20.68
CA TYR A 84 -3.75 2.44 -22.05
C TYR A 84 -3.74 0.91 -22.12
N LEU A 85 -3.89 0.24 -20.99
CA LEU A 85 -3.85 -1.22 -21.04
C LEU A 85 -5.25 -1.80 -21.10
N PRO A 86 -5.45 -2.87 -21.85
CA PRO A 86 -6.78 -3.46 -21.97
C PRO A 86 -7.13 -4.32 -20.76
N GLY A 87 -8.43 -4.63 -20.66
CA GLY A 87 -8.89 -5.57 -19.67
C GLY A 87 -9.20 -6.90 -20.33
N GLY A 88 -10.49 -7.25 -20.40
CA GLY A 88 -10.93 -8.42 -21.11
C GLY A 88 -11.51 -9.47 -20.18
N THR A 89 -11.81 -10.63 -20.76
CA THR A 89 -12.39 -11.75 -20.05
C THR A 89 -11.31 -12.82 -19.85
N GLY A 90 -11.03 -13.15 -18.60
CA GLY A 90 -10.01 -14.14 -18.27
C GLY A 90 -10.64 -15.33 -17.55
N TRP A 91 -10.17 -16.52 -17.90
CA TRP A 91 -10.65 -17.77 -17.30
C TRP A 91 -9.51 -18.42 -16.54
N TYR A 92 -9.80 -18.82 -15.30
CA TYR A 92 -8.86 -19.56 -14.45
C TYR A 92 -9.45 -20.93 -14.14
N ARG A 93 -8.63 -21.98 -14.30
CA ARG A 93 -9.05 -23.35 -14.02
C ARG A 93 -8.00 -24.04 -13.19
N LYS A 94 -8.44 -24.88 -12.25
CA LYS A 94 -7.52 -25.67 -11.44
C LYS A 94 -8.17 -27.01 -11.14
N SER A 95 -7.52 -28.09 -11.57
CA SER A 95 -7.95 -29.43 -11.27
C SER A 95 -7.06 -29.99 -10.16
N PHE A 96 -7.67 -30.55 -9.13
CA PHE A 96 -6.92 -30.99 -7.95
C PHE A 96 -7.62 -32.17 -7.32
N THR A 97 -6.91 -32.86 -6.43
CA THR A 97 -7.41 -34.02 -5.74
C THR A 97 -7.89 -33.63 -4.34
N ILE A 98 -8.99 -34.23 -3.91
CA ILE A 98 -9.45 -34.17 -2.54
C ILE A 98 -9.39 -35.58 -1.99
N ASP A 99 -8.51 -35.81 -1.02
CA ASP A 99 -8.27 -37.15 -0.52
C ASP A 99 -9.45 -37.64 0.31
N ARG A 100 -9.54 -38.97 0.45
CA ARG A 100 -10.63 -39.56 1.22
C ARG A 100 -10.56 -39.17 2.69
N ASP A 101 -9.37 -38.84 3.20
CA ASP A 101 -9.24 -38.50 4.61
C ASP A 101 -9.91 -37.19 4.96
N LEU A 102 -10.40 -36.44 3.97
CA LEU A 102 -11.16 -35.22 4.20
C LEU A 102 -12.66 -35.44 4.09
N ALA A 103 -13.09 -36.69 3.91
CA ALA A 103 -14.52 -36.99 3.94
C ALA A 103 -15.11 -36.54 5.26
N GLY A 104 -16.29 -35.92 5.20
CA GLY A 104 -16.91 -35.34 6.37
C GLY A 104 -16.44 -33.95 6.73
N LYS A 105 -15.32 -33.49 6.18
CA LYS A 105 -14.82 -32.16 6.49
C LYS A 105 -15.54 -31.11 5.64
N ARG A 106 -15.53 -29.87 6.15
CA ARG A 106 -16.02 -28.72 5.40
C ARG A 106 -14.86 -28.08 4.63
N ILE A 107 -15.09 -27.75 3.37
CA ILE A 107 -14.07 -27.19 2.49
C ILE A 107 -14.60 -25.91 1.86
N ALA A 108 -13.78 -24.87 1.86
CA ALA A 108 -14.13 -23.59 1.26
C ALA A 108 -12.91 -22.99 0.56
N ILE A 109 -13.16 -22.25 -0.51
CA ILE A 109 -12.12 -21.51 -1.22
C ILE A 109 -12.31 -20.03 -0.93
N ASN A 110 -11.22 -19.33 -0.62
CA ASN A 110 -11.27 -17.94 -0.21
C ASN A 110 -10.45 -17.08 -1.17
N PHE A 111 -11.08 -16.04 -1.69
CA PHE A 111 -10.45 -15.08 -2.60
C PHE A 111 -10.23 -13.78 -1.86
N ASP A 112 -8.97 -13.37 -1.71
CA ASP A 112 -8.71 -12.06 -1.11
C ASP A 112 -8.98 -10.91 -2.07
N GLY A 113 -9.14 -11.19 -3.36
CA GLY A 113 -9.46 -10.17 -4.33
C GLY A 113 -9.41 -10.66 -5.77
N VAL A 114 -10.45 -10.35 -6.54
CA VAL A 114 -10.52 -10.69 -7.96
C VAL A 114 -11.15 -9.53 -8.70
N TYR A 115 -10.41 -8.93 -9.63
CA TYR A 115 -10.89 -7.76 -10.37
C TYR A 115 -11.16 -8.16 -11.81
N MET A 116 -12.44 -8.19 -12.19
CA MET A 116 -13.60 -8.00 -11.33
C MET A 116 -14.74 -8.85 -11.89
N ASN A 117 -15.93 -8.73 -11.32
CA ASN A 117 -17.12 -9.45 -11.80
C ASN A 117 -16.83 -10.94 -11.95
N ALA A 118 -16.46 -11.55 -10.83
CA ALA A 118 -16.06 -12.96 -10.84
C ALA A 118 -17.28 -13.87 -10.88
N THR A 119 -17.15 -14.97 -11.61
CA THR A 119 -18.11 -16.07 -11.57
C THR A 119 -17.33 -17.35 -11.24
N VAL A 120 -17.87 -18.15 -10.35
CA VAL A 120 -17.17 -19.32 -9.82
C VAL A 120 -18.03 -20.56 -10.04
N TRP A 121 -17.48 -21.53 -10.75
CA TRP A 121 -18.05 -22.87 -10.87
C TRP A 121 -17.17 -23.85 -10.10
N PHE A 122 -17.81 -24.88 -9.54
CA PHE A 122 -17.08 -25.98 -8.91
C PHE A 122 -17.67 -27.29 -9.44
N ASN A 123 -16.84 -28.05 -10.15
CA ASN A 123 -17.27 -29.30 -10.78
C ASN A 123 -18.52 -29.09 -11.63
N GLY A 124 -18.51 -28.02 -12.41
CA GLY A 124 -19.57 -27.72 -13.35
C GLY A 124 -20.76 -26.98 -12.77
N VAL A 125 -20.85 -26.86 -11.46
CA VAL A 125 -21.98 -26.21 -10.79
C VAL A 125 -21.61 -24.78 -10.48
N LYS A 126 -22.44 -23.84 -10.94
CA LYS A 126 -22.24 -22.43 -10.60
C LYS A 126 -22.52 -22.19 -9.13
N LEU A 127 -21.56 -21.58 -8.44
CA LEU A 127 -21.70 -21.26 -7.03
C LEU A 127 -22.18 -19.84 -6.79
N GLY A 128 -21.78 -18.89 -7.64
CA GLY A 128 -22.22 -17.53 -7.48
C GLY A 128 -21.30 -16.57 -8.20
N THR A 129 -21.48 -15.29 -7.89
CA THR A 129 -20.74 -14.21 -8.54
C THR A 129 -20.28 -13.21 -7.48
N HIS A 130 -19.28 -12.42 -7.85
CA HIS A 130 -18.82 -11.31 -7.01
C HIS A 130 -18.41 -10.13 -7.87
N PRO A 131 -19.19 -9.05 -7.88
CA PRO A 131 -18.87 -7.90 -8.73
C PRO A 131 -17.60 -7.16 -8.33
N TYR A 132 -17.53 -6.73 -7.06
CA TYR A 132 -16.49 -5.78 -6.65
C TYR A 132 -15.11 -6.39 -6.79
N GLY A 133 -14.19 -5.65 -7.40
CA GLY A 133 -12.86 -6.15 -7.63
C GLY A 133 -11.89 -6.03 -6.48
N TYR A 134 -12.28 -5.41 -5.37
CA TYR A 134 -11.34 -5.08 -4.31
C TYR A 134 -11.67 -5.70 -2.95
N SER A 135 -12.74 -6.47 -2.84
CA SER A 135 -13.10 -6.97 -1.52
C SER A 135 -12.98 -8.49 -1.47
N PRO A 136 -12.64 -9.05 -0.31
CA PRO A 136 -12.49 -10.50 -0.19
C PRO A 136 -13.85 -11.20 -0.11
N PHE A 137 -13.85 -12.46 -0.53
CA PHE A 137 -15.06 -13.28 -0.56
C PHE A 137 -14.66 -14.74 -0.61
N SER A 138 -15.63 -15.62 -0.32
N SER A 138 -15.63 -15.62 -0.32
CA SER A 138 -15.36 -17.05 -0.30
CA SER A 138 -15.38 -17.05 -0.26
C SER A 138 -16.60 -17.81 -0.78
C SER A 138 -16.60 -17.80 -0.77
N PHE A 139 -16.39 -19.08 -1.08
CA PHE A 139 -17.45 -19.99 -1.48
C PHE A 139 -17.25 -21.33 -0.78
N ASP A 140 -18.34 -21.92 -0.31
CA ASP A 140 -18.29 -23.27 0.21
C ASP A 140 -18.19 -24.26 -0.94
N LEU A 141 -17.25 -25.20 -0.84
CA LEU A 141 -17.08 -26.24 -1.84
C LEU A 141 -17.62 -27.60 -1.39
N THR A 142 -18.00 -27.73 -0.11
CA THR A 142 -18.38 -29.03 0.44
C THR A 142 -19.54 -29.64 -0.33
N GLY A 143 -20.55 -28.85 -0.66
CA GLY A 143 -21.77 -29.39 -1.26
C GLY A 143 -21.57 -30.02 -2.62
N ASN A 144 -20.56 -29.56 -3.37
CA ASN A 144 -20.32 -30.07 -4.72
C ASN A 144 -18.99 -30.79 -4.84
N ALA A 145 -18.30 -31.04 -3.73
CA ALA A 145 -16.99 -31.66 -3.78
C ALA A 145 -17.09 -33.15 -4.08
N LYS A 146 -16.10 -33.65 -4.81
CA LYS A 146 -15.95 -35.08 -5.08
C LYS A 146 -14.85 -35.59 -4.15
N PHE A 147 -15.24 -36.09 -2.98
CA PHE A 147 -14.28 -36.61 -2.03
C PHE A 147 -13.69 -37.92 -2.54
N GLY A 148 -12.37 -38.03 -2.48
CA GLY A 148 -11.67 -39.18 -3.02
C GLY A 148 -11.49 -39.16 -4.52
N GLY A 149 -11.66 -38.01 -5.17
CA GLY A 149 -11.56 -37.95 -6.62
C GLY A 149 -11.05 -36.63 -7.15
N GLU A 150 -11.13 -36.46 -8.47
CA GLU A 150 -10.69 -35.23 -9.10
C GLU A 150 -11.75 -34.15 -9.02
N ASN A 151 -11.30 -32.92 -8.75
CA ASN A 151 -12.17 -31.76 -8.68
C ASN A 151 -11.64 -30.66 -9.58
N THR A 152 -12.53 -29.77 -10.02
CA THR A 152 -12.16 -28.68 -10.91
C THR A 152 -12.87 -27.42 -10.48
N ILE A 153 -12.10 -26.41 -10.10
CA ILE A 153 -12.61 -25.08 -9.78
C ILE A 153 -12.37 -24.18 -10.98
N VAL A 154 -13.37 -23.39 -11.35
CA VAL A 154 -13.29 -22.51 -12.50
C VAL A 154 -13.72 -21.11 -12.06
N VAL A 155 -12.92 -20.11 -12.41
CA VAL A 155 -13.23 -18.72 -12.13
C VAL A 155 -13.19 -17.94 -13.44
N LYS A 156 -14.32 -17.33 -13.79
CA LYS A 156 -14.38 -16.42 -14.92
C LYS A 156 -14.28 -14.99 -14.40
N VAL A 157 -13.43 -14.19 -15.04
CA VAL A 157 -13.17 -12.81 -14.65
C VAL A 157 -13.51 -11.93 -15.84
N GLU A 158 -14.25 -10.85 -15.58
CA GLU A 158 -14.70 -9.94 -16.63
C GLU A 158 -14.36 -8.51 -16.26
N ASN A 159 -13.50 -7.87 -17.04
CA ASN A 159 -13.15 -6.46 -16.87
C ASN A 159 -13.33 -5.74 -18.21
N ARG A 160 -14.58 -5.38 -18.50
CA ARG A 160 -14.85 -4.51 -19.65
C ARG A 160 -14.32 -3.12 -19.35
N LEU A 161 -13.50 -2.58 -20.24
CA LEU A 161 -12.54 -1.57 -19.81
C LEU A 161 -12.93 -0.09 -19.96
N PRO A 162 -14.23 0.27 -19.93
CA PRO A 162 -14.52 1.64 -19.43
C PRO A 162 -13.95 1.85 -18.04
N SER A 163 -14.22 0.91 -17.13
CA SER A 163 -13.37 0.65 -15.97
C SER A 163 -13.33 1.78 -14.93
N SER A 164 -12.13 2.32 -14.69
CA SER A 164 -11.89 3.15 -13.52
C SER A 164 -10.93 4.28 -13.84
N ARG A 165 -10.74 5.16 -12.86
CA ARG A 165 -9.91 6.35 -13.00
C ARG A 165 -8.42 6.06 -12.83
N TRP A 166 -8.05 4.84 -12.45
CA TRP A 166 -6.67 4.43 -12.33
C TRP A 166 -6.53 3.01 -12.86
N TYR A 167 -5.30 2.54 -12.98
CA TYR A 167 -5.06 1.17 -13.42
C TYR A 167 -5.47 0.19 -12.32
N SER A 168 -6.41 -0.68 -12.64
CA SER A 168 -6.84 -1.70 -11.69
C SER A 168 -6.09 -3.00 -11.85
N GLY A 169 -5.73 -3.36 -13.08
CA GLY A 169 -5.33 -4.71 -13.38
C GLY A 169 -6.55 -5.58 -13.56
N SER A 170 -6.31 -6.84 -13.94
CA SER A 170 -7.40 -7.77 -14.15
C SER A 170 -6.96 -9.16 -13.68
N GLY A 171 -7.91 -9.89 -13.09
CA GLY A 171 -7.69 -11.27 -12.75
C GLY A 171 -7.65 -11.52 -11.26
N ILE A 172 -7.06 -12.66 -10.90
CA ILE A 172 -6.95 -13.08 -9.50
C ILE A 172 -5.62 -12.55 -9.01
N TYR A 173 -5.60 -11.26 -8.65
CA TYR A 173 -4.39 -10.52 -8.35
C TYR A 173 -4.01 -10.58 -6.88
N ARG A 174 -4.73 -11.36 -6.06
CA ARG A 174 -4.40 -11.56 -4.65
C ARG A 174 -4.45 -13.06 -4.33
N ASP A 175 -3.89 -13.40 -3.17
CA ASP A 175 -3.76 -14.79 -2.75
C ASP A 175 -5.12 -15.49 -2.70
N VAL A 176 -5.10 -16.79 -2.97
CA VAL A 176 -6.25 -17.68 -2.84
C VAL A 176 -5.89 -18.78 -1.86
N THR A 177 -6.81 -19.12 -0.97
CA THR A 177 -6.57 -20.14 0.05
C THR A 177 -7.73 -21.12 0.10
N LEU A 178 -7.45 -22.29 0.68
CA LEU A 178 -8.46 -23.28 1.01
C LEU A 178 -8.58 -23.39 2.53
N THR A 179 -9.81 -23.49 3.00
CA THR A 179 -10.10 -23.70 4.41
C THR A 179 -10.76 -25.05 4.57
N VAL A 180 -10.16 -25.93 5.38
CA VAL A 180 -10.68 -27.25 5.67
C VAL A 180 -10.90 -27.34 7.17
N THR A 181 -12.14 -27.65 7.58
CA THR A 181 -12.48 -27.72 8.99
C THR A 181 -13.39 -28.91 9.26
N ASP A 182 -13.54 -29.23 10.53
CA ASP A 182 -14.54 -30.18 10.98
C ASP A 182 -15.94 -29.61 10.73
N GLY A 183 -16.94 -30.48 10.87
CA GLY A 183 -18.32 -30.03 10.72
C GLY A 183 -18.71 -28.99 11.75
N VAL A 184 -18.21 -29.12 12.97
CA VAL A 184 -18.35 -28.08 13.99
C VAL A 184 -17.09 -27.24 13.96
N HIS A 185 -17.25 -25.93 13.76
CA HIS A 185 -16.10 -25.09 13.51
C HIS A 185 -16.44 -23.64 13.80
N VAL A 186 -15.40 -22.84 14.06
CA VAL A 186 -15.55 -21.39 14.11
C VAL A 186 -15.84 -20.87 12.71
N GLY A 187 -16.77 -19.94 12.60
CA GLY A 187 -17.10 -19.38 11.31
C GLY A 187 -15.94 -18.58 10.71
N ASN A 188 -16.07 -18.29 9.41
CA ASN A 188 -15.08 -17.49 8.71
C ASN A 188 -14.98 -16.11 9.34
N ASN A 189 -13.76 -15.69 9.68
CA ASN A 189 -13.53 -14.43 10.41
C ASN A 189 -14.42 -14.38 11.66
N GLY A 190 -14.52 -15.51 12.35
CA GLY A 190 -15.56 -15.69 13.34
C GLY A 190 -15.31 -15.15 14.72
N VAL A 191 -14.20 -14.46 14.97
CA VAL A 191 -13.83 -14.01 16.32
C VAL A 191 -13.66 -12.50 16.31
N ALA A 192 -14.42 -11.81 17.13
CA ALA A 192 -14.34 -10.36 17.30
C ALA A 192 -13.86 -10.04 18.71
N ILE A 193 -12.87 -9.16 18.81
CA ILE A 193 -12.20 -8.86 20.08
C ILE A 193 -12.34 -7.38 20.39
N LYS A 194 -12.74 -7.08 21.62
CA LYS A 194 -12.83 -5.71 22.11
C LYS A 194 -12.13 -5.59 23.46
N THR A 195 -11.39 -4.50 23.64
CA THR A 195 -10.79 -4.13 24.92
C THR A 195 -11.30 -2.73 25.29
N PRO A 196 -12.54 -2.64 25.79
CA PRO A 196 -13.17 -1.32 25.94
C PRO A 196 -12.56 -0.45 27.03
N SER A 197 -11.83 -1.01 27.98
CA SER A 197 -11.23 -0.24 29.06
C SER A 197 -9.71 -0.20 28.99
N LEU A 198 -9.14 -0.40 27.79
CA LEU A 198 -7.69 -0.52 27.69
C LEU A 198 -6.98 0.76 28.11
N ALA A 199 -7.56 1.92 27.79
CA ALA A 199 -6.87 3.19 28.07
C ALA A 199 -6.57 3.36 29.55
N THR A 200 -7.40 2.80 30.43
CA THR A 200 -7.18 2.91 31.87
C THR A 200 -6.69 1.63 32.52
N GLN A 201 -6.92 0.47 31.89
CA GLN A 201 -6.39 -0.78 32.41
C GLN A 201 -4.95 -1.04 31.96
N ASN A 202 -4.44 -0.24 31.02
CA ASN A 202 -3.10 -0.43 30.47
C ASN A 202 -2.06 -0.58 31.58
N GLY A 203 -1.25 -1.63 31.46
CA GLY A 203 -0.23 -1.95 32.44
C GLY A 203 -0.60 -3.08 33.38
N GLY A 204 -1.89 -3.23 33.68
CA GLY A 204 -2.35 -4.29 34.53
C GLY A 204 -3.25 -5.27 33.80
N ASP A 205 -4.20 -5.86 34.51
CA ASP A 205 -5.12 -6.81 33.90
C ASP A 205 -6.08 -6.09 32.95
N VAL A 206 -6.09 -6.50 31.69
CA VAL A 206 -6.89 -5.86 30.65
C VAL A 206 -8.05 -6.78 30.30
N THR A 207 -9.26 -6.24 30.33
CA THR A 207 -10.46 -7.00 30.03
C THR A 207 -10.65 -7.13 28.52
N MET A 208 -10.76 -8.37 28.04
CA MET A 208 -11.05 -8.64 26.64
C MET A 208 -12.44 -9.27 26.56
N ASN A 209 -13.32 -8.66 25.77
CA ASN A 209 -14.62 -9.24 25.47
C ASN A 209 -14.57 -9.80 24.06
N LEU A 210 -14.83 -11.10 23.93
CA LEU A 210 -14.76 -11.79 22.64
C LEU A 210 -16.12 -12.31 22.26
N THR A 211 -16.42 -12.26 20.97
CA THR A 211 -17.58 -12.91 20.38
C THR A 211 -17.08 -13.90 19.33
N THR A 212 -17.56 -15.14 19.41
CA THR A 212 -17.11 -16.20 18.51
C THR A 212 -18.33 -16.84 17.86
N LYS A 213 -18.36 -16.84 16.53
CA LYS A 213 -19.40 -17.53 15.77
C LYS A 213 -18.98 -18.99 15.60
N VAL A 214 -19.82 -19.91 16.07
CA VAL A 214 -19.57 -21.34 15.97
C VAL A 214 -20.68 -21.94 15.11
N ALA A 215 -20.30 -22.60 14.03
CA ALA A 215 -21.27 -23.24 13.14
C ALA A 215 -21.29 -24.74 13.37
N ASN A 216 -22.49 -25.31 13.37
CA ASN A 216 -22.69 -26.74 13.49
C ASN A 216 -23.21 -27.23 12.14
N ASP A 217 -22.28 -27.59 11.25
CA ASP A 217 -22.62 -28.12 9.94
C ASP A 217 -22.71 -29.65 9.92
N THR A 218 -23.09 -30.25 11.04
CA THR A 218 -23.36 -31.68 11.11
C THR A 218 -24.86 -31.90 11.18
N GLU A 219 -25.26 -33.18 11.17
CA GLU A 219 -26.67 -33.55 11.23
C GLU A 219 -27.11 -33.92 12.64
N ALA A 220 -26.27 -33.67 13.63
CA ALA A 220 -26.58 -33.96 15.02
C ALA A 220 -26.35 -32.71 15.87
N ALA A 221 -27.06 -32.65 16.99
CA ALA A 221 -26.89 -31.52 17.90
C ALA A 221 -25.49 -31.52 18.49
N ALA A 222 -24.91 -30.34 18.60
CA ALA A 222 -23.58 -30.16 19.17
C ALA A 222 -23.69 -29.44 20.50
N ASN A 223 -22.89 -29.89 21.48
CA ASN A 223 -22.76 -29.22 22.77
C ASN A 223 -21.27 -29.00 22.99
N ILE A 224 -20.82 -27.76 22.80
CA ILE A 224 -19.40 -27.46 22.76
C ILE A 224 -19.05 -26.45 23.84
N THR A 225 -17.77 -26.42 24.18
CA THR A 225 -17.16 -25.36 24.96
C THR A 225 -16.01 -24.77 24.15
N LEU A 226 -15.62 -23.55 24.51
CA LEU A 226 -14.49 -22.89 23.89
C LEU A 226 -13.37 -22.76 24.90
N LYS A 227 -12.14 -23.10 24.51
CA LYS A 227 -10.95 -22.73 25.25
C LYS A 227 -10.20 -21.69 24.44
N GLN A 228 -10.05 -20.50 25.00
CA GLN A 228 -9.44 -19.38 24.29
C GLN A 228 -8.21 -18.91 25.04
N THR A 229 -7.16 -18.58 24.28
CA THR A 229 -5.83 -18.33 24.82
C THR A 229 -5.18 -17.18 24.06
N VAL A 230 -4.53 -16.27 24.81
CA VAL A 230 -3.85 -15.12 24.23
C VAL A 230 -2.36 -15.22 24.57
N PHE A 231 -1.52 -15.33 23.56
CA PHE A 231 -0.09 -15.49 23.76
C PHE A 231 0.68 -14.73 22.68
N PRO A 232 1.91 -14.32 22.97
CA PRO A 232 2.68 -13.54 21.98
C PRO A 232 2.84 -14.29 20.67
N LYS A 233 2.71 -13.55 19.57
CA LYS A 233 2.81 -14.14 18.24
C LYS A 233 4.13 -14.87 18.07
N GLY A 234 4.06 -16.04 17.44
CA GLY A 234 5.22 -16.88 17.23
C GLY A 234 5.63 -17.72 18.42
N GLY A 235 5.01 -17.51 19.59
CA GLY A 235 5.35 -18.26 20.77
C GLY A 235 4.43 -19.45 21.00
N LYS A 236 4.67 -20.14 22.11
CA LYS A 236 3.88 -21.29 22.51
C LYS A 236 2.80 -20.87 23.49
N THR A 237 1.82 -21.75 23.67
CA THR A 237 0.71 -21.45 24.57
C THR A 237 1.13 -21.39 26.03
N ASP A 238 2.27 -21.96 26.39
CA ASP A 238 2.75 -21.87 27.77
C ASP A 238 3.17 -20.45 28.14
N ALA A 239 3.19 -19.52 27.20
CA ALA A 239 3.49 -18.12 27.46
C ALA A 239 2.23 -17.25 27.45
N ALA A 240 1.07 -17.85 27.69
CA ALA A 240 -0.19 -17.12 27.62
C ALA A 240 -0.28 -16.06 28.73
N ILE A 241 -0.79 -14.89 28.36
CA ILE A 241 -1.11 -13.86 29.35
C ILE A 241 -2.56 -13.95 29.82
N GLY A 242 -3.36 -14.84 29.23
CA GLY A 242 -4.74 -15.01 29.65
C GLY A 242 -5.40 -16.16 28.92
N THR A 243 -6.24 -16.92 29.64
CA THR A 243 -7.02 -18.00 29.05
C THR A 243 -8.41 -18.00 29.67
N VAL A 244 -9.36 -18.60 28.96
CA VAL A 244 -10.70 -18.81 29.50
C VAL A 244 -11.30 -20.04 28.83
N THR A 245 -12.13 -20.76 29.59
CA THR A 245 -12.95 -21.84 29.08
C THR A 245 -14.41 -21.47 29.33
N THR A 246 -15.22 -21.53 28.27
CA THR A 246 -16.60 -21.10 28.40
C THR A 246 -17.47 -22.25 28.90
N ALA A 247 -18.67 -21.90 29.38
CA ALA A 247 -19.65 -22.89 29.74
C ALA A 247 -20.15 -23.60 28.48
N SER A 248 -20.91 -24.68 28.69
CA SER A 248 -21.40 -25.47 27.57
C SER A 248 -22.47 -24.71 26.80
N LYS A 249 -22.38 -24.76 25.48
CA LYS A 249 -23.33 -24.13 24.58
C LYS A 249 -23.87 -25.18 23.62
N SER A 250 -25.19 -25.31 23.57
CA SER A 250 -25.86 -26.23 22.64
C SER A 250 -26.09 -25.53 21.31
N ILE A 251 -25.77 -26.22 20.22
CA ILE A 251 -25.94 -25.69 18.87
C ILE A 251 -26.67 -26.72 18.03
N ALA A 252 -27.84 -26.35 17.52
CA ALA A 252 -28.65 -27.28 16.74
C ALA A 252 -27.96 -27.65 15.44
N ALA A 253 -28.33 -28.81 14.90
CA ALA A 253 -27.78 -29.28 13.64
C ALA A 253 -28.14 -28.32 12.51
N GLY A 254 -27.13 -27.84 11.80
CA GLY A 254 -27.34 -26.88 10.74
C GLY A 254 -27.49 -25.45 11.21
N ALA A 255 -27.34 -25.18 12.49
CA ALA A 255 -27.46 -23.84 13.05
C ALA A 255 -26.10 -23.30 13.47
N SER A 256 -26.09 -22.03 13.86
CA SER A 256 -24.90 -21.36 14.36
C SER A 256 -25.23 -20.64 15.66
N ALA A 257 -24.19 -20.26 16.39
CA ALA A 257 -24.37 -19.59 17.67
C ALA A 257 -23.22 -18.64 17.91
N ASP A 258 -23.53 -17.52 18.55
CA ASP A 258 -22.53 -16.53 18.96
C ASP A 258 -22.21 -16.78 20.43
N VAL A 259 -20.98 -17.21 20.69
CA VAL A 259 -20.51 -17.49 22.04
C VAL A 259 -19.74 -16.27 22.53
N THR A 260 -20.23 -15.63 23.58
CA THR A 260 -19.52 -14.54 24.21
C THR A 260 -18.59 -15.09 25.29
N SER A 261 -17.50 -14.38 25.53
CA SER A 261 -16.53 -14.82 26.53
C SER A 261 -15.70 -13.62 26.94
N THR A 262 -15.03 -13.77 28.09
CA THR A 262 -14.17 -12.72 28.62
C THR A 262 -12.84 -13.33 29.03
N ILE A 263 -11.75 -12.71 28.58
CA ILE A 263 -10.41 -13.08 28.98
C ILE A 263 -9.81 -11.91 29.75
N THR A 264 -9.09 -12.22 30.82
CA THR A 264 -8.32 -11.24 31.57
C THR A 264 -6.87 -11.39 31.14
N ALA A 265 -6.40 -10.44 30.33
CA ALA A 265 -5.03 -10.44 29.84
C ALA A 265 -4.12 -9.76 30.86
N ALA A 266 -3.07 -10.48 31.27
CA ALA A 266 -2.17 -10.01 32.32
C ALA A 266 -1.08 -9.15 31.70
N SER A 267 -1.20 -7.84 31.86
CA SER A 267 -0.19 -6.87 31.42
C SER A 267 0.28 -7.11 29.98
N PRO A 268 -0.61 -6.96 28.99
CA PRO A 268 -0.17 -7.14 27.60
C PRO A 268 0.75 -6.02 27.15
N LYS A 269 1.69 -6.38 26.28
CA LYS A 269 2.50 -5.37 25.60
C LYS A 269 1.65 -4.61 24.60
N LEU A 270 1.67 -3.29 24.67
CA LEU A 270 0.90 -2.49 23.73
C LEU A 270 1.47 -2.60 22.32
N TRP A 271 0.59 -2.44 21.34
CA TRP A 271 0.99 -2.31 19.95
C TRP A 271 1.13 -0.83 19.63
N SER A 272 2.31 -0.41 19.18
CA SER A 272 2.58 0.98 18.86
C SER A 272 3.43 1.03 17.59
N ILE A 273 3.66 2.26 17.12
CA ILE A 273 4.41 2.44 15.88
C ILE A 273 5.85 1.95 16.05
N LYS A 274 6.48 2.29 17.17
CA LYS A 274 7.86 1.86 17.38
C LYS A 274 7.95 0.41 17.87
N ASN A 275 6.94 -0.07 18.59
CA ASN A 275 6.95 -1.41 19.17
C ASN A 275 5.66 -2.13 18.80
N PRO A 276 5.55 -2.63 17.57
CA PRO A 276 4.32 -3.30 17.12
C PRO A 276 4.19 -4.71 17.69
N ASN A 277 3.98 -4.79 19.00
CA ASN A 277 3.84 -6.09 19.66
C ASN A 277 2.53 -6.74 19.24
N LEU A 278 2.62 -8.02 18.82
CA LEU A 278 1.48 -8.76 18.31
C LEU A 278 1.21 -9.98 19.17
N TYR A 279 -0.05 -10.38 19.21
CA TYR A 279 -0.50 -11.55 19.95
C TYR A 279 -1.36 -12.42 19.05
N THR A 280 -1.34 -13.72 19.35
CA THR A 280 -2.25 -14.69 18.74
C THR A 280 -3.35 -15.03 19.74
N VAL A 281 -4.59 -14.89 19.32
CA VAL A 281 -5.74 -15.30 20.11
C VAL A 281 -6.26 -16.60 19.51
N ARG A 282 -6.05 -17.69 20.22
CA ARG A 282 -6.40 -19.03 19.76
C ARG A 282 -7.72 -19.47 20.37
N THR A 283 -8.62 -19.95 19.52
CA THR A 283 -9.92 -20.46 19.97
C THR A 283 -10.03 -21.93 19.59
N GLU A 284 -10.22 -22.78 20.58
CA GLU A 284 -10.43 -24.21 20.38
C GLU A 284 -11.89 -24.54 20.66
N VAL A 285 -12.54 -25.23 19.72
CA VAL A 285 -13.88 -25.74 19.91
C VAL A 285 -13.76 -27.17 20.41
N LEU A 286 -14.25 -27.42 21.62
CA LEU A 286 -14.12 -28.73 22.25
C LEU A 286 -15.47 -29.42 22.33
N ASN A 287 -15.46 -30.73 22.15
CA ASN A 287 -16.61 -31.60 22.41
C ASN A 287 -16.16 -32.62 23.43
N GLY A 288 -16.59 -32.46 24.68
CA GLY A 288 -16.01 -33.22 25.77
C GLY A 288 -14.58 -32.81 25.99
N GLY A 289 -13.64 -33.73 25.79
CA GLY A 289 -12.22 -33.41 25.93
C GLY A 289 -11.50 -33.46 24.60
N LYS A 290 -12.25 -33.37 23.50
CA LYS A 290 -11.71 -33.51 22.16
C LYS A 290 -11.82 -32.20 21.41
N VAL A 291 -10.69 -31.71 20.89
CA VAL A 291 -10.65 -30.48 20.12
C VAL A 291 -11.16 -30.76 18.71
N LEU A 292 -12.26 -30.10 18.33
CA LEU A 292 -12.82 -30.27 16.99
C LEU A 292 -12.30 -29.24 16.00
N ASP A 293 -11.92 -28.06 16.47
CA ASP A 293 -11.51 -26.98 15.57
C ASP A 293 -10.63 -26.01 16.35
N THR A 294 -9.60 -25.49 15.69
CA THR A 294 -8.68 -24.54 16.29
C THR A 294 -8.54 -23.36 15.34
N TYR A 295 -8.94 -22.18 15.79
CA TYR A 295 -8.94 -20.97 14.97
C TYR A 295 -8.08 -19.91 15.63
N ASP A 296 -7.13 -19.37 14.86
CA ASP A 296 -6.21 -18.34 15.32
C ASP A 296 -6.52 -17.01 14.65
N THR A 297 -6.44 -15.93 15.42
CA THR A 297 -6.61 -14.59 14.89
C THR A 297 -5.52 -13.69 15.48
N GLU A 298 -4.98 -12.81 14.64
CA GLU A 298 -3.91 -11.91 15.03
C GLU A 298 -4.48 -10.67 15.69
N TYR A 299 -3.84 -10.23 16.76
CA TYR A 299 -4.37 -9.14 17.56
C TYR A 299 -3.24 -8.28 18.10
N GLY A 300 -3.59 -7.02 18.38
CA GLY A 300 -2.69 -6.09 19.03
C GLY A 300 -3.45 -5.20 19.98
N PHE A 301 -2.83 -4.86 21.11
CA PHE A 301 -3.46 -4.03 22.13
C PHE A 301 -3.07 -2.58 21.90
N ARG A 302 -4.06 -1.76 21.53
CA ARG A 302 -3.83 -0.33 21.32
C ARG A 302 -5.16 0.37 21.30
N TRP A 303 -5.15 1.66 21.66
CA TRP A 303 -6.32 2.50 21.54
C TRP A 303 -5.92 3.83 20.94
N THR A 304 -6.85 4.44 20.21
CA THR A 304 -6.60 5.71 19.54
C THR A 304 -7.56 6.77 20.06
N GLY A 305 -7.39 7.98 19.57
CA GLY A 305 -8.28 9.08 19.89
C GLY A 305 -8.14 10.22 18.90
N PHE A 306 -9.25 10.87 18.58
CA PHE A 306 -9.25 12.06 17.74
C PHE A 306 -9.87 13.20 18.53
N ASP A 307 -9.07 14.23 18.83
CA ASP A 307 -9.53 15.39 19.56
C ASP A 307 -9.72 16.56 18.61
N ALA A 308 -10.85 17.26 18.76
CA ALA A 308 -11.17 18.36 17.85
C ALA A 308 -10.14 19.48 17.91
N THR A 309 -9.47 19.65 19.06
CA THR A 309 -8.49 20.70 19.24
C THR A 309 -7.04 20.22 19.03
N SER A 310 -6.67 19.07 19.56
CA SER A 310 -5.29 18.62 19.55
C SER A 310 -5.04 17.43 18.62
N GLY A 311 -6.05 16.92 17.93
CA GLY A 311 -5.81 15.92 16.90
C GLY A 311 -5.72 14.49 17.38
N PHE A 312 -4.82 13.73 16.76
CA PHE A 312 -4.77 12.28 16.92
C PHE A 312 -3.86 11.88 18.08
N SER A 313 -4.21 10.76 18.72
CA SER A 313 -3.41 10.16 19.76
C SER A 313 -3.39 8.65 19.56
N LEU A 314 -2.27 8.03 19.95
CA LEU A 314 -2.14 6.57 19.95
C LEU A 314 -1.63 6.17 21.33
N ASN A 315 -2.40 5.31 22.00
CA ASN A 315 -2.06 4.85 23.35
C ASN A 315 -1.82 6.02 24.30
N GLY A 316 -2.67 7.03 24.19
CA GLY A 316 -2.61 8.18 25.07
C GLY A 316 -1.52 9.18 24.77
N GLU A 317 -0.76 8.98 23.69
CA GLU A 317 0.33 9.89 23.33
C GLU A 317 0.00 10.55 22.00
N LYS A 318 0.24 11.86 21.93
CA LYS A 318 -0.07 12.60 20.70
C LYS A 318 0.85 12.17 19.57
N VAL A 319 0.26 11.91 18.41
CA VAL A 319 0.99 11.50 17.22
C VAL A 319 0.43 12.26 16.03
N LYS A 320 1.30 12.85 15.23
CA LYS A 320 0.89 13.49 13.99
C LYS A 320 0.80 12.44 12.89
N LEU A 321 -0.33 12.40 12.19
CA LEU A 321 -0.52 11.43 11.12
C LEU A 321 0.27 11.89 9.90
N LYS A 322 1.48 11.35 9.76
CA LYS A 322 2.32 11.64 8.60
C LYS A 322 2.03 10.55 7.57
N GLY A 323 1.02 10.80 6.75
CA GLY A 323 0.49 9.74 5.92
C GLY A 323 0.61 9.94 4.43
N VAL A 324 0.48 8.85 3.68
CA VAL A 324 0.43 8.90 2.23
C VAL A 324 -0.77 8.09 1.75
N SER A 325 -1.37 8.54 0.67
CA SER A 325 -2.32 7.73 -0.06
C SER A 325 -1.55 6.77 -0.96
N MET A 326 -2.02 5.52 -1.03
CA MET A 326 -1.32 4.48 -1.78
C MET A 326 -2.34 3.69 -2.60
N HIS A 327 -2.16 3.66 -3.92
CA HIS A 327 -2.89 2.72 -4.74
C HIS A 327 -2.29 1.32 -4.58
N HIS A 328 -2.97 0.34 -5.16
CA HIS A 328 -2.66 -1.05 -4.86
C HIS A 328 -1.60 -1.66 -5.77
N ASP A 329 -1.37 -1.11 -6.96
CA ASP A 329 -0.51 -1.82 -7.90
C ASP A 329 0.95 -1.75 -7.46
N GLN A 330 1.75 -2.66 -8.01
CA GLN A 330 3.14 -2.77 -7.59
C GLN A 330 4.09 -2.53 -8.77
N GLY A 331 3.83 -1.46 -9.52
CA GLY A 331 4.76 -1.06 -10.56
C GLY A 331 4.77 -2.07 -11.70
N SER A 332 5.97 -2.48 -12.09
CA SER A 332 6.13 -3.40 -13.22
C SER A 332 5.43 -4.73 -13.01
N LEU A 333 5.06 -5.04 -11.77
CA LEU A 333 4.34 -6.27 -11.48
C LEU A 333 2.83 -6.13 -11.68
N GLY A 334 2.36 -4.94 -12.06
CA GLY A 334 0.93 -4.74 -12.17
C GLY A 334 0.24 -4.82 -10.82
N ALA A 335 -1.00 -5.28 -10.83
CA ALA A 335 -1.83 -5.35 -9.62
C ALA A 335 -1.47 -6.51 -8.70
N VAL A 336 -0.46 -7.31 -9.05
CA VAL A 336 -0.13 -8.50 -8.26
C VAL A 336 0.23 -8.08 -6.83
N ALA A 337 -0.53 -8.60 -5.87
CA ALA A 337 -0.29 -8.29 -4.46
C ALA A 337 0.75 -9.24 -3.87
N ASN A 338 1.95 -9.15 -4.43
CA ASN A 338 3.09 -9.87 -3.90
C ASN A 338 3.48 -9.31 -2.54
N ARG A 339 3.70 -10.20 -1.56
CA ARG A 339 3.92 -9.75 -0.20
C ARG A 339 5.22 -8.96 -0.07
N ARG A 340 6.28 -9.40 -0.75
CA ARG A 340 7.56 -8.70 -0.64
C ARG A 340 7.52 -7.35 -1.35
N ALA A 341 6.81 -7.27 -2.48
CA ALA A 341 6.65 -5.98 -3.16
C ALA A 341 5.94 -4.98 -2.25
N ILE A 342 4.88 -5.43 -1.59
CA ILE A 342 4.14 -4.59 -0.66
C ILE A 342 5.00 -4.22 0.54
N GLU A 343 5.70 -5.21 1.10
CA GLU A 343 6.60 -4.95 2.23
C GLU A 343 7.66 -3.93 1.87
N ARG A 344 8.23 -4.03 0.66
CA ARG A 344 9.26 -3.09 0.25
C ARG A 344 8.71 -1.67 0.17
N GLN A 345 7.50 -1.50 -0.39
CA GLN A 345 6.86 -0.19 -0.40
C GLN A 345 6.77 0.40 1.00
N VAL A 346 6.27 -0.39 1.96
CA VAL A 346 6.09 0.13 3.32
C VAL A 346 7.44 0.47 3.93
N GLU A 347 8.48 -0.33 3.65
CA GLU A 347 9.80 -0.04 4.19
C GLU A 347 10.36 1.25 3.62
N ILE A 348 10.17 1.49 2.32
CA ILE A 348 10.63 2.73 1.71
C ILE A 348 9.87 3.93 2.28
N LEU A 349 8.57 3.75 2.55
CA LEU A 349 7.79 4.82 3.16
C LEU A 349 8.24 5.08 4.59
N GLN A 350 8.51 4.01 5.35
CA GLN A 350 8.96 4.17 6.74
C GLN A 350 10.27 4.94 6.80
N LYS A 351 11.19 4.68 5.87
CA LYS A 351 12.45 5.43 5.85
C LYS A 351 12.21 6.92 5.61
N MET A 352 11.14 7.26 4.88
CA MET A 352 10.75 8.65 4.70
C MET A 352 10.16 9.27 5.95
N GLY A 353 9.81 8.46 6.96
CA GLY A 353 9.12 8.95 8.13
C GLY A 353 7.61 8.78 8.09
N VAL A 354 7.09 8.12 7.05
CA VAL A 354 5.66 7.84 7.00
C VAL A 354 5.29 6.95 8.17
N ASN A 355 4.15 7.25 8.82
CA ASN A 355 3.60 6.39 9.85
C ASN A 355 2.18 5.96 9.57
N SER A 356 1.61 6.34 8.42
CA SER A 356 0.21 6.02 8.13
C SER A 356 -0.01 5.91 6.63
N ILE A 357 -0.93 5.03 6.25
CA ILE A 357 -1.27 4.76 4.86
C ILE A 357 -2.79 4.79 4.71
N ARG A 358 -3.26 5.48 3.68
CA ARG A 358 -4.67 5.49 3.30
C ARG A 358 -4.82 4.67 2.03
N THR A 359 -5.63 3.61 2.08
CA THR A 359 -5.74 2.66 0.97
C THR A 359 -6.75 3.17 -0.06
N THR A 360 -6.32 4.18 -0.81
CA THR A 360 -7.16 4.83 -1.79
C THR A 360 -7.27 3.99 -3.05
N HIS A 361 -8.50 3.72 -3.51
CA HIS A 361 -9.74 4.01 -2.79
C HIS A 361 -10.52 2.70 -2.68
N ASN A 362 -9.98 1.74 -1.94
CA ASN A 362 -10.50 0.38 -1.97
C ASN A 362 -9.80 -0.43 -0.88
N PRO A 363 -10.41 -1.53 -0.45
CA PRO A 363 -9.75 -2.37 0.57
C PRO A 363 -8.36 -2.80 0.12
N ALA A 364 -7.43 -2.80 1.07
CA ALA A 364 -6.11 -3.30 0.78
C ALA A 364 -6.12 -4.83 0.69
N ALA A 365 -5.05 -5.37 0.10
CA ALA A 365 -4.80 -6.78 0.24
C ALA A 365 -4.54 -7.10 1.71
N LYS A 366 -4.92 -8.33 2.11
CA LYS A 366 -4.58 -8.77 3.46
C LYS A 366 -3.08 -8.68 3.71
N ALA A 367 -2.27 -8.87 2.66
CA ALA A 367 -0.81 -8.78 2.80
C ALA A 367 -0.38 -7.42 3.30
N LEU A 368 -1.02 -6.35 2.83
CA LEU A 368 -0.67 -5.01 3.32
C LEU A 368 -1.06 -4.84 4.77
N ILE A 369 -2.20 -5.41 5.17
CA ILE A 369 -2.61 -5.33 6.58
C ILE A 369 -1.64 -6.11 7.45
N ASP A 370 -1.20 -7.28 6.98
CA ASP A 370 -0.21 -8.06 7.73
C ASP A 370 1.09 -7.29 7.90
N VAL A 371 1.56 -6.67 6.81
CA VAL A 371 2.82 -5.92 6.85
C VAL A 371 2.73 -4.78 7.85
N CYS A 372 1.65 -4.00 7.78
CA CYS A 372 1.51 -2.86 8.69
C CYS A 372 1.30 -3.30 10.12
N ASN A 373 0.64 -4.44 10.35
CA ASN A 373 0.59 -5.00 11.71
C ASN A 373 1.97 -5.29 12.23
N GLU A 374 2.85 -5.81 11.37
CA GLU A 374 4.18 -6.23 11.80
C GLU A 374 5.15 -5.04 11.84
N LYS A 375 5.02 -4.11 10.90
CA LYS A 375 5.96 -2.98 10.80
C LYS A 375 5.57 -1.79 11.66
N GLY A 376 4.31 -1.70 12.09
CA GLY A 376 3.89 -0.57 12.89
C GLY A 376 3.51 0.64 12.08
N VAL A 377 2.56 0.47 11.15
CA VAL A 377 2.06 1.55 10.32
C VAL A 377 0.55 1.62 10.50
N LEU A 378 0.04 2.82 10.74
CA LEU A 378 -1.39 3.02 10.92
C LEU A 378 -2.10 3.05 9.57
N VAL A 379 -3.19 2.29 9.45
CA VAL A 379 -3.88 2.13 8.18
C VAL A 379 -5.26 2.76 8.29
N VAL A 380 -5.55 3.69 7.40
CA VAL A 380 -6.90 4.18 7.15
C VAL A 380 -7.41 3.38 5.95
N GLU A 381 -8.20 2.35 6.21
CA GLU A 381 -8.63 1.45 5.15
C GLU A 381 -9.89 2.01 4.51
N GLU A 382 -9.75 2.47 3.26
CA GLU A 382 -10.89 2.94 2.49
C GLU A 382 -11.60 1.76 1.84
N VAL A 383 -12.92 1.85 1.72
CA VAL A 383 -13.71 0.76 1.19
C VAL A 383 -14.26 1.05 -0.21
N PHE A 384 -14.60 2.30 -0.51
CA PHE A 384 -15.17 2.66 -1.80
C PHE A 384 -14.52 3.92 -2.33
N ASP A 385 -14.70 4.15 -3.63
CA ASP A 385 -14.36 5.42 -4.25
C ASP A 385 -15.59 6.31 -4.24
N MET A 386 -16.47 6.12 -5.23
CA MET A 386 -17.75 6.79 -5.29
C MET A 386 -18.88 5.80 -4.99
N TRP A 387 -20.10 6.31 -4.90
CA TRP A 387 -21.24 5.49 -4.51
C TRP A 387 -22.28 5.37 -5.64
N THR A 395 -19.13 2.33 -17.46
CA THR A 395 -20.55 2.40 -17.13
C THR A 395 -21.06 1.02 -16.70
N GLU A 396 -20.26 -0.01 -16.99
CA GLU A 396 -20.55 -1.37 -16.56
C GLU A 396 -19.81 -1.73 -15.26
N ASP A 397 -19.27 -0.73 -14.56
CA ASP A 397 -18.43 -0.96 -13.40
C ASP A 397 -19.22 -1.32 -12.14
N TYR A 398 -18.61 -1.08 -10.98
CA TYR A 398 -19.25 -1.40 -9.70
C TYR A 398 -20.42 -0.48 -9.39
N GLY A 399 -20.50 0.69 -10.04
CA GLY A 399 -21.62 1.58 -9.82
C GLY A 399 -22.96 0.94 -10.12
N LYS A 400 -22.98 -0.02 -11.05
CA LYS A 400 -24.22 -0.75 -11.32
C LYS A 400 -24.61 -1.64 -10.16
N TRP A 401 -23.64 -2.23 -9.49
CA TRP A 401 -23.92 -3.23 -8.45
C TRP A 401 -23.97 -2.64 -7.05
N PHE A 402 -23.44 -1.43 -6.85
CA PHE A 402 -23.35 -0.84 -5.51
C PHE A 402 -24.66 -0.92 -4.75
N GLY A 403 -25.77 -0.57 -5.40
CA GLY A 403 -27.05 -0.52 -4.73
C GLY A 403 -28.01 -1.65 -5.07
N GLN A 404 -27.49 -2.75 -5.61
CA GLN A 404 -28.32 -3.89 -5.96
C GLN A 404 -28.23 -4.98 -4.90
N ALA A 405 -29.30 -5.75 -4.77
CA ALA A 405 -29.33 -6.86 -3.83
C ALA A 405 -28.59 -8.07 -4.41
N ILE A 406 -28.20 -8.97 -3.53
CA ILE A 406 -27.52 -10.21 -3.91
C ILE A 406 -28.57 -11.26 -4.22
N ALA A 407 -28.41 -11.93 -5.36
CA ALA A 407 -29.38 -12.94 -5.77
C ALA A 407 -29.47 -14.07 -4.75
N GLY A 408 -30.67 -14.62 -4.61
CA GLY A 408 -30.90 -15.66 -3.61
C GLY A 408 -30.09 -16.92 -3.86
N ASP A 409 -29.78 -17.24 -5.12
CA ASP A 409 -29.00 -18.42 -5.45
C ASP A 409 -27.51 -18.13 -5.57
N ASN A 410 -27.07 -16.93 -5.20
CA ASN A 410 -25.65 -16.59 -5.17
C ASN A 410 -25.12 -16.93 -3.77
N ALA A 411 -24.31 -17.98 -3.69
CA ALA A 411 -23.83 -18.48 -2.40
C ALA A 411 -22.51 -17.84 -1.97
N VAL A 412 -22.17 -16.67 -2.51
CA VAL A 412 -20.94 -15.99 -2.12
C VAL A 412 -21.00 -15.65 -0.63
N LEU A 413 -19.84 -15.72 0.03
CA LEU A 413 -19.74 -15.52 1.47
C LEU A 413 -18.70 -14.47 1.77
N GLY A 414 -18.84 -13.82 2.93
CA GLY A 414 -17.86 -12.86 3.38
C GLY A 414 -18.44 -11.75 4.25
N GLY A 415 -19.64 -11.28 3.89
CA GLY A 415 -20.29 -10.23 4.65
C GLY A 415 -21.80 -10.38 4.64
N ASP A 416 -22.51 -9.37 5.16
CA ASP A 416 -23.96 -9.44 5.20
C ASP A 416 -24.54 -9.44 3.79
N LYS A 417 -25.55 -10.29 3.58
CA LYS A 417 -26.17 -10.47 2.26
C LYS A 417 -27.62 -10.03 2.22
N ASP A 418 -28.09 -9.36 3.27
CA ASP A 418 -29.51 -9.03 3.40
C ASP A 418 -29.89 -7.69 2.79
N GLU A 419 -28.94 -6.89 2.32
CA GLU A 419 -29.28 -5.61 1.71
C GLU A 419 -28.64 -5.47 0.33
N THR A 420 -27.62 -4.64 0.20
CA THR A 420 -27.01 -4.37 -1.09
C THR A 420 -25.59 -4.93 -1.15
N TRP A 421 -25.01 -4.91 -2.35
CA TRP A 421 -23.62 -5.31 -2.52
C TRP A 421 -22.69 -4.43 -1.71
N ALA A 422 -23.00 -3.14 -1.63
CA ALA A 422 -22.16 -2.22 -0.86
C ALA A 422 -22.04 -2.67 0.59
N LYS A 423 -23.16 -3.09 1.20
CA LYS A 423 -23.10 -3.60 2.57
C LYS A 423 -22.29 -4.88 2.65
N PHE A 424 -22.44 -5.76 1.66
CA PHE A 424 -21.67 -7.01 1.64
C PHE A 424 -20.18 -6.71 1.58
N ASP A 425 -19.77 -5.85 0.66
CA ASP A 425 -18.34 -5.59 0.49
C ASP A 425 -17.77 -4.81 1.67
N LEU A 426 -18.58 -3.92 2.27
CA LEU A 426 -18.14 -3.18 3.44
C LEU A 426 -17.94 -4.11 4.64
N THR A 427 -18.95 -4.95 4.93
CA THR A 427 -18.85 -5.84 6.08
C THR A 427 -17.84 -6.96 5.84
N SER A 428 -17.68 -7.40 4.59
CA SER A 428 -16.66 -8.41 4.30
C SER A 428 -15.26 -7.87 4.61
N THR A 429 -15.00 -6.61 4.26
CA THR A 429 -13.71 -6.01 4.56
C THR A 429 -13.52 -5.84 6.06
N ILE A 430 -14.54 -5.34 6.75
CA ILE A 430 -14.44 -5.14 8.20
C ILE A 430 -14.28 -6.47 8.91
N ASN A 431 -14.99 -7.50 8.46
CA ASN A 431 -14.86 -8.82 9.10
C ASN A 431 -13.44 -9.35 8.98
N ARG A 432 -12.79 -9.12 7.84
CA ARG A 432 -11.43 -9.60 7.66
C ARG A 432 -10.45 -8.89 8.59
N ASP A 433 -10.64 -7.59 8.80
CA ASP A 433 -9.61 -6.76 9.41
C ASP A 433 -10.00 -6.19 10.77
N ARG A 434 -11.12 -6.64 11.36
CA ARG A 434 -11.61 -6.02 12.58
C ARG A 434 -10.65 -6.20 13.76
N ASN A 435 -9.76 -7.19 13.72
CA ASN A 435 -8.83 -7.43 14.80
C ASN A 435 -7.43 -6.91 14.51
N ALA A 436 -7.20 -6.33 13.34
CA ALA A 436 -5.87 -5.85 12.98
C ALA A 436 -5.56 -4.55 13.73
N PRO A 437 -4.50 -4.51 14.54
CA PRO A 437 -4.19 -3.27 15.27
C PRO A 437 -3.77 -2.13 14.37
N SER A 438 -3.24 -2.41 13.18
CA SER A 438 -2.77 -1.32 12.32
C SER A 438 -3.93 -0.48 11.80
N VAL A 439 -5.12 -1.07 11.68
CA VAL A 439 -6.27 -0.36 11.11
C VAL A 439 -6.88 0.52 12.20
N ILE A 440 -6.85 1.84 11.97
CA ILE A 440 -7.35 2.80 12.95
C ILE A 440 -8.67 3.42 12.54
N MET A 441 -9.09 3.30 11.28
CA MET A 441 -10.25 4.02 10.81
C MET A 441 -10.77 3.34 9.56
N TRP A 442 -12.09 3.38 9.38
CA TRP A 442 -12.75 2.90 8.17
C TRP A 442 -13.17 4.09 7.32
N SER A 443 -12.63 4.19 6.11
CA SER A 443 -12.98 5.27 5.19
C SER A 443 -14.03 4.78 4.21
N LEU A 444 -15.12 5.53 4.08
CA LEU A 444 -16.29 5.08 3.34
C LEU A 444 -16.34 5.57 1.89
N GLY A 445 -15.45 6.46 1.49
CA GLY A 445 -15.44 6.91 0.12
C GLY A 445 -14.67 8.20 -0.06
N ASN A 446 -14.74 8.71 -1.28
CA ASN A 446 -14.03 9.92 -1.67
C ASN A 446 -14.87 10.66 -2.69
N GLU A 447 -15.26 11.89 -2.36
CA GLU A 447 -16.08 12.70 -3.25
C GLU A 447 -15.33 13.09 -4.51
N ALA A 461 -28.54 10.33 1.99
CA ALA A 461 -29.22 9.06 2.19
C ALA A 461 -28.23 7.90 2.23
N THR A 462 -27.41 7.79 1.18
CA THR A 462 -26.43 6.71 1.12
C THR A 462 -25.37 6.86 2.21
N SER A 463 -24.93 8.09 2.46
CA SER A 463 -23.91 8.33 3.48
C SER A 463 -24.38 7.87 4.85
N ALA A 464 -25.63 8.19 5.22
CA ALA A 464 -26.17 7.78 6.50
C ALA A 464 -26.27 6.26 6.61
N LYS A 465 -26.54 5.58 5.49
CA LYS A 465 -26.62 4.12 5.52
C LYS A 465 -25.25 3.49 5.71
N LEU A 466 -24.25 3.99 4.98
CA LEU A 466 -22.89 3.46 5.11
C LEU A 466 -22.36 3.66 6.53
N VAL A 467 -22.59 4.83 7.11
CA VAL A 467 -22.12 5.12 8.47
C VAL A 467 -22.77 4.17 9.47
N ALA A 468 -24.07 3.94 9.33
CA ALA A 468 -24.75 3.04 10.26
C ALA A 468 -24.25 1.60 10.09
N TRP A 469 -24.06 1.16 8.84
CA TRP A 469 -23.54 -0.19 8.61
C TRP A 469 -22.16 -0.35 9.25
N THR A 470 -21.31 0.66 9.12
CA THR A 470 -19.97 0.57 9.68
C THR A 470 -20.00 0.51 11.21
N LYS A 471 -20.83 1.35 11.83
CA LYS A 471 -20.89 1.36 13.29
C LYS A 471 -21.47 0.05 13.81
N ALA A 472 -22.46 -0.51 13.12
CA ALA A 472 -23.00 -1.81 13.52
C ALA A 472 -21.99 -2.93 13.33
N ALA A 473 -21.14 -2.82 12.29
CA ALA A 473 -20.19 -3.89 12.00
C ALA A 473 -19.00 -3.86 12.96
N ASP A 474 -18.49 -2.69 13.28
CA ASP A 474 -17.35 -2.56 14.19
C ASP A 474 -17.43 -1.24 14.91
N SER A 475 -17.76 -1.28 16.20
CA SER A 475 -17.91 -0.09 17.01
C SER A 475 -16.59 0.38 17.60
N THR A 476 -15.50 -0.35 17.40
CA THR A 476 -14.23 -0.01 18.05
C THR A 476 -13.42 1.03 17.30
N ARG A 477 -13.76 1.34 16.05
CA ARG A 477 -12.99 2.28 15.27
C ARG A 477 -13.88 3.41 14.74
N PRO A 478 -13.34 4.61 14.59
CA PRO A 478 -14.10 5.66 13.92
C PRO A 478 -14.22 5.38 12.43
N MET A 479 -15.29 5.90 11.83
CA MET A 479 -15.41 5.90 10.38
C MET A 479 -15.14 7.31 9.85
N THR A 480 -14.89 7.39 8.55
CA THR A 480 -14.51 8.66 7.93
C THR A 480 -14.76 8.56 6.42
N TYR A 481 -14.47 9.65 5.73
CA TYR A 481 -14.35 9.68 4.28
C TYR A 481 -13.68 10.98 3.87
N GLY A 482 -13.15 11.00 2.65
CA GLY A 482 -12.56 12.20 2.11
C GLY A 482 -13.56 13.01 1.33
N ASP A 483 -13.94 14.17 1.85
CA ASP A 483 -14.92 15.03 1.20
C ASP A 483 -14.19 16.18 0.51
N ASN A 484 -14.52 16.37 -0.77
CA ASN A 484 -13.89 17.41 -1.58
C ASN A 484 -14.63 18.73 -1.52
N LYS A 485 -15.95 18.70 -1.33
CA LYS A 485 -16.79 19.89 -1.41
C LYS A 485 -16.90 20.63 -0.08
N ILE A 486 -16.10 20.25 0.93
CA ILE A 486 -16.10 21.00 2.18
C ILE A 486 -15.47 22.38 1.96
N LYS A 487 -14.58 22.51 0.98
CA LYS A 487 -14.01 23.81 0.65
C LYS A 487 -15.11 24.81 0.28
N ALA A 488 -16.02 24.41 -0.60
CA ALA A 488 -17.11 25.30 -1.02
C ALA A 488 -18.19 25.43 0.05
N ASN A 489 -18.13 24.65 1.11
CA ASN A 489 -19.10 24.70 2.22
C ASN A 489 -20.53 24.47 1.71
N TRP A 490 -20.72 23.37 1.00
CA TRP A 490 -22.06 22.96 0.60
C TRP A 490 -22.89 22.61 1.83
N ASN A 491 -24.19 22.85 1.74
CA ASN A 491 -25.09 22.43 2.81
C ASN A 491 -25.05 20.92 3.01
N GLU A 492 -24.71 20.16 1.97
CA GLU A 492 -24.59 18.72 2.10
C GLU A 492 -23.32 18.33 2.85
N SER A 493 -22.27 19.15 2.76
CA SER A 493 -21.04 18.85 3.49
C SER A 493 -21.17 19.18 4.98
N ASN A 494 -21.90 20.25 5.30
CA ASN A 494 -22.18 20.55 6.70
C ASN A 494 -22.98 19.43 7.35
N THR A 495 -24.04 18.99 6.68
CA THR A 495 -24.87 17.91 7.21
C THR A 495 -24.07 16.62 7.34
N MET A 496 -23.37 16.23 6.27
CA MET A 496 -22.64 14.96 6.28
C MET A 496 -21.50 14.97 7.28
N GLY A 497 -20.91 16.14 7.55
CA GLY A 497 -19.85 16.21 8.54
C GLY A 497 -20.37 16.10 9.96
N ASP A 498 -21.51 16.73 10.25
CA ASP A 498 -22.13 16.58 11.55
C ASP A 498 -22.58 15.15 11.80
N ASN A 499 -23.09 14.48 10.75
CA ASN A 499 -23.52 13.09 10.89
C ASN A 499 -22.34 12.17 11.19
N LEU A 500 -21.16 12.47 10.63
CA LEU A 500 -19.97 11.71 10.99
C LEU A 500 -19.63 11.89 12.46
N THR A 501 -19.60 13.14 12.93
CA THR A 501 -19.23 13.42 14.31
C THR A 501 -20.23 12.83 15.29
N ALA A 502 -21.52 12.88 14.96
CA ALA A 502 -22.54 12.35 15.86
C ALA A 502 -22.38 10.86 16.06
N ASN A 503 -21.75 10.16 15.13
CA ASN A 503 -21.54 8.72 15.23
C ASN A 503 -20.11 8.36 15.59
N GLY A 504 -19.36 9.28 16.18
CA GLY A 504 -17.99 9.00 16.56
C GLY A 504 -17.02 8.98 15.40
N GLY A 505 -17.35 9.61 14.28
CA GLY A 505 -16.50 9.62 13.12
C GLY A 505 -15.59 10.85 13.03
N VAL A 506 -14.70 10.81 12.04
CA VAL A 506 -13.68 11.83 11.84
C VAL A 506 -13.85 12.39 10.43
N VAL A 507 -13.75 13.71 10.31
CA VAL A 507 -14.02 14.39 9.04
C VAL A 507 -12.72 14.56 8.27
N GLY A 508 -12.68 14.01 7.05
CA GLY A 508 -11.55 14.22 6.16
C GLY A 508 -11.91 15.25 5.10
N THR A 509 -11.01 16.23 4.94
CA THR A 509 -11.16 17.27 3.94
C THR A 509 -10.06 17.12 2.90
N ASN A 510 -10.45 17.15 1.62
CA ASN A 510 -9.53 16.93 0.51
C ASN A 510 -9.06 18.29 -0.03
N TYR A 511 -7.74 18.48 -0.05
CA TYR A 511 -7.11 19.62 -0.71
C TYR A 511 -7.55 20.95 -0.10
N SER A 512 -7.63 21.00 1.23
CA SER A 512 -7.82 22.26 1.92
C SER A 512 -6.47 22.93 2.16
N ASP A 513 -6.45 24.25 2.05
CA ASP A 513 -5.27 25.02 2.43
C ASP A 513 -5.46 25.51 3.88
N GLY A 514 -4.45 26.23 4.38
CA GLY A 514 -4.51 26.68 5.76
C GLY A 514 -5.73 27.52 6.07
N ALA A 515 -6.08 28.44 5.18
CA ALA A 515 -7.26 29.27 5.40
C ALA A 515 -8.52 28.41 5.49
N ASN A 516 -8.62 27.38 4.66
CA ASN A 516 -9.81 26.54 4.68
C ASN A 516 -9.83 25.65 5.91
N TYR A 517 -8.67 25.14 6.34
CA TYR A 517 -8.59 24.44 7.62
C TYR A 517 -9.13 25.29 8.75
N ASP A 518 -8.75 26.57 8.77
CA ASP A 518 -9.21 27.47 9.82
C ASP A 518 -10.71 27.73 9.72
N LYS A 519 -11.24 27.81 8.50
CA LYS A 519 -12.66 28.05 8.34
C LYS A 519 -13.48 26.87 8.86
N ILE A 520 -13.04 25.64 8.58
CA ILE A 520 -13.72 24.46 9.11
C ILE A 520 -13.68 24.46 10.63
N ARG A 521 -12.50 24.73 11.19
CA ARG A 521 -12.33 24.72 12.63
C ARG A 521 -13.24 25.76 13.29
N THR A 522 -13.35 26.95 12.68
CA THR A 522 -14.21 27.99 13.24
C THR A 522 -15.69 27.66 13.03
N THR A 523 -16.04 27.15 11.85
CA THR A 523 -17.44 26.88 11.55
C THR A 523 -17.96 25.65 12.28
N HIS A 524 -17.09 24.66 12.54
CA HIS A 524 -17.50 23.40 13.16
C HIS A 524 -16.54 23.05 14.28
N PRO A 525 -16.67 23.70 15.44
CA PRO A 525 -15.74 23.44 16.55
C PRO A 525 -15.79 22.02 17.09
N SER A 526 -16.82 21.25 16.77
CA SER A 526 -16.96 19.90 17.28
C SER A 526 -16.34 18.84 16.38
N TRP A 527 -15.96 19.19 15.15
CA TRP A 527 -15.41 18.22 14.21
C TRP A 527 -13.95 17.91 14.52
N ALA A 528 -13.60 16.63 14.48
CA ALA A 528 -12.21 16.20 14.45
C ALA A 528 -11.82 16.01 12.98
N ILE A 529 -10.83 16.79 12.52
CA ILE A 529 -10.56 16.87 11.09
C ILE A 529 -9.13 16.47 10.80
N TYR A 530 -8.88 16.17 9.53
CA TYR A 530 -7.55 15.85 9.03
C TYR A 530 -7.58 16.05 7.52
N GLY A 531 -6.38 16.13 6.94
CA GLY A 531 -6.25 16.22 5.49
C GLY A 531 -6.28 14.84 4.85
N SER A 532 -7.46 14.42 4.39
CA SER A 532 -7.62 13.08 3.84
C SER A 532 -6.93 12.89 2.50
N GLU A 533 -6.62 13.98 1.80
CA GLU A 533 -5.95 13.90 0.50
C GLU A 533 -5.34 15.26 0.23
N THR A 534 -4.01 15.32 0.14
CA THR A 534 -3.31 16.60 0.10
C THR A 534 -2.22 16.59 -0.96
N ALA A 535 -1.69 17.79 -1.23
CA ALA A 535 -0.56 18.02 -2.13
C ALA A 535 -0.94 17.78 -3.59
N SER A 536 -0.80 16.54 -4.06
CA SER A 536 -0.90 16.21 -5.48
C SER A 536 0.12 17.01 -6.29
N ALA A 537 1.34 17.12 -5.78
CA ALA A 537 2.44 17.62 -6.58
C ALA A 537 2.77 16.61 -7.67
N ILE A 538 3.18 17.13 -8.82
CA ILE A 538 3.45 16.31 -10.00
C ILE A 538 4.89 16.53 -10.43
N ASN A 539 5.69 15.47 -10.36
CA ASN A 539 7.12 15.56 -10.60
C ASN A 539 7.61 14.27 -11.23
N SER A 540 8.65 14.38 -12.04
CA SER A 540 9.41 13.23 -12.50
C SER A 540 10.64 13.06 -11.61
N ARG A 541 11.36 11.97 -11.82
CA ARG A 541 12.60 11.72 -11.09
C ARG A 541 13.78 12.20 -11.92
N GLY A 542 14.58 13.10 -11.35
CA GLY A 542 15.84 13.49 -11.94
C GLY A 542 15.81 14.56 -13.00
N ILE A 543 14.79 15.43 -13.01
CA ILE A 543 14.62 16.45 -14.04
C ILE A 543 14.94 17.81 -13.42
N TYR A 544 15.93 18.51 -13.97
CA TYR A 544 16.41 19.75 -13.36
C TYR A 544 16.59 20.92 -14.33
N ASN A 545 16.42 20.73 -15.64
CA ASN A 545 16.67 21.84 -16.55
C ASN A 545 15.54 22.87 -16.58
N ARG A 546 14.58 22.76 -15.65
CA ARG A 546 13.64 23.82 -15.36
C ARG A 546 13.07 23.56 -13.97
N THR A 547 12.68 24.63 -13.29
CA THR A 547 12.17 24.55 -11.93
C THR A 547 10.66 24.75 -11.87
N THR A 548 10.00 24.88 -13.01
CA THR A 548 8.55 25.05 -13.08
C THR A 548 7.90 23.80 -13.66
N GLY A 549 6.60 23.69 -13.45
CA GLY A 549 5.84 22.56 -13.95
C GLY A 549 4.35 22.77 -13.88
N GLY A 550 3.62 21.75 -13.44
CA GLY A 550 2.18 21.85 -13.29
C GLY A 550 1.38 21.74 -14.57
N ALA A 551 2.04 21.59 -15.71
CA ALA A 551 1.36 21.47 -17.00
C ALA A 551 2.20 20.56 -17.89
N GLN A 552 1.61 20.20 -19.03
CA GLN A 552 2.33 19.36 -19.99
C GLN A 552 3.58 20.08 -20.49
N SER A 553 4.68 19.33 -20.58
CA SER A 553 5.95 19.90 -21.01
C SER A 553 6.23 19.54 -22.47
N SER A 554 7.51 19.42 -22.83
CA SER A 554 7.92 19.03 -24.17
C SER A 554 8.68 17.73 -24.21
N ASP A 555 9.10 17.18 -23.07
CA ASP A 555 9.79 15.90 -23.00
C ASP A 555 8.98 14.85 -22.26
N LYS A 556 7.68 15.09 -22.05
CA LYS A 556 6.78 14.19 -21.34
C LYS A 556 7.24 13.93 -19.90
N GLN A 557 8.02 14.84 -19.33
CA GLN A 557 8.48 14.76 -17.95
C GLN A 557 8.19 16.07 -17.24
N LEU A 558 8.40 16.07 -15.93
CA LEU A 558 8.14 17.23 -15.09
C LEU A 558 9.32 17.47 -14.15
N THR A 559 9.49 18.73 -13.76
CA THR A 559 10.60 19.11 -12.88
C THR A 559 10.57 18.31 -11.58
N SER A 560 11.76 18.08 -11.03
CA SER A 560 11.91 17.47 -9.72
C SER A 560 11.87 18.48 -8.59
N TYR A 561 12.05 19.77 -8.88
CA TYR A 561 11.85 20.80 -7.87
C TYR A 561 10.40 20.79 -7.39
N ASP A 562 10.19 21.14 -6.12
CA ASP A 562 8.85 21.16 -5.55
C ASP A 562 8.14 22.47 -5.87
N ASN A 563 7.98 22.71 -7.17
CA ASN A 563 7.27 23.89 -7.66
C ASN A 563 6.22 23.52 -8.70
N SER A 564 5.74 22.28 -8.67
CA SER A 564 4.85 21.75 -9.70
C SER A 564 3.71 20.98 -9.03
N ALA A 565 2.49 21.44 -9.23
CA ALA A 565 1.32 20.77 -8.68
C ALA A 565 0.12 21.03 -9.57
N VAL A 566 -0.88 20.15 -9.47
CA VAL A 566 -2.12 20.34 -10.21
C VAL A 566 -2.85 21.56 -9.69
N GLY A 567 -3.76 22.09 -10.53
CA GLY A 567 -4.43 23.33 -10.20
C GLY A 567 -5.20 23.27 -8.88
N TRP A 568 -5.80 22.13 -8.58
CA TRP A 568 -6.58 21.98 -7.35
C TRP A 568 -5.74 21.55 -6.16
N GLY A 569 -4.44 21.31 -6.35
CA GLY A 569 -3.59 20.83 -5.28
C GLY A 569 -2.62 21.86 -4.75
N ALA A 570 -1.47 21.41 -4.25
CA ALA A 570 -0.45 22.29 -3.70
C ALA A 570 0.88 21.56 -3.72
N VAL A 571 1.97 22.32 -3.69
CA VAL A 571 3.29 21.70 -3.61
C VAL A 571 3.48 21.10 -2.22
N ALA A 572 4.44 20.17 -2.12
CA ALA A 572 4.62 19.41 -0.89
C ALA A 572 4.90 20.32 0.31
N SER A 573 5.72 21.35 0.11
CA SER A 573 6.03 22.26 1.21
C SER A 573 4.79 23.04 1.65
N SER A 574 3.95 23.43 0.69
CA SER A 574 2.75 24.18 1.04
C SER A 574 1.73 23.31 1.76
N ALA A 575 1.56 22.06 1.32
CA ALA A 575 0.59 21.17 1.94
C ALA A 575 1.02 20.75 3.34
N TRP A 576 2.33 20.66 3.60
CA TRP A 576 2.78 20.27 4.93
C TRP A 576 2.83 21.47 5.88
N TYR A 577 3.25 22.63 5.36
CA TYR A 577 3.28 23.84 6.19
C TYR A 577 1.91 24.14 6.78
N ASP A 578 0.85 23.96 5.99
CA ASP A 578 -0.49 24.24 6.50
C ASP A 578 -0.92 23.25 7.56
N VAL A 579 -0.43 22.01 7.49
CA VAL A 579 -0.82 20.96 8.44
C VAL A 579 0.02 21.02 9.71
N VAL A 580 1.33 21.19 9.59
CA VAL A 580 2.21 21.12 10.75
C VAL A 580 1.95 22.26 11.73
N GLN A 581 1.40 23.39 11.27
CA GLN A 581 1.11 24.52 12.15
C GLN A 581 -0.13 24.30 13.01
N ARG A 582 -1.04 23.41 12.60
CA ARG A 582 -2.38 23.34 13.17
C ARG A 582 -2.57 22.01 13.90
N ASP A 583 -2.63 22.07 15.24
CA ASP A 583 -2.84 20.86 16.01
C ASP A 583 -4.21 20.25 15.75
N PHE A 584 -5.19 21.07 15.36
CA PHE A 584 -6.52 20.55 15.11
C PHE A 584 -6.60 19.77 13.79
N VAL A 585 -5.64 19.94 12.89
CA VAL A 585 -5.54 19.11 11.70
C VAL A 585 -4.70 17.89 12.09
N ALA A 586 -5.38 16.76 12.33
CA ALA A 586 -4.73 15.61 12.94
C ALA A 586 -3.56 15.09 12.10
N GLY A 587 -3.63 15.25 10.79
CA GLY A 587 -2.54 14.80 9.94
C GLY A 587 -2.85 15.04 8.48
N THR A 588 -2.13 14.33 7.63
CA THR A 588 -2.23 14.52 6.19
C THR A 588 -1.96 13.20 5.51
N TYR A 589 -2.59 12.99 4.35
CA TYR A 589 -2.37 11.80 3.53
C TYR A 589 -2.02 12.27 2.12
N VAL A 590 -0.72 12.33 1.84
CA VAL A 590 -0.23 12.92 0.60
C VAL A 590 -0.58 12.04 -0.59
N TRP A 591 -1.10 12.66 -1.63
CA TRP A 591 -1.38 11.98 -2.90
C TRP A 591 -0.21 12.22 -3.84
N THR A 592 0.61 11.19 -4.09
CA THR A 592 0.58 9.89 -3.44
C THR A 592 1.96 9.54 -2.88
N GLY A 593 2.04 8.42 -2.16
CA GLY A 593 3.33 7.94 -1.70
C GLY A 593 4.18 7.37 -2.83
N PHE A 594 3.60 6.46 -3.61
CA PHE A 594 4.25 5.88 -4.77
C PHE A 594 3.50 6.28 -6.03
N ASP A 595 4.24 6.49 -7.12
CA ASP A 595 3.62 6.55 -8.43
C ASP A 595 2.88 5.25 -8.72
N TYR A 596 1.79 5.36 -9.47
CA TYR A 596 0.95 4.22 -9.79
C TYR A 596 0.61 4.26 -11.28
N LEU A 597 0.19 3.10 -11.79
CA LEU A 597 -0.17 3.01 -13.20
C LEU A 597 -1.50 3.70 -13.45
N GLY A 598 -1.61 4.35 -14.60
CA GLY A 598 -2.78 5.14 -14.91
C GLY A 598 -2.65 6.57 -14.45
N GLU A 599 -3.79 7.27 -14.48
CA GLU A 599 -3.99 8.69 -14.17
C GLU A 599 -2.73 9.53 -14.39
N PRO A 600 -2.26 9.66 -15.63
CA PRO A 600 -0.99 10.35 -15.86
C PRO A 600 -1.12 11.86 -15.99
N THR A 601 -1.96 12.47 -15.16
CA THR A 601 -2.09 13.92 -15.10
C THR A 601 -0.70 14.55 -14.99
N PRO A 602 -0.39 15.61 -15.76
CA PRO A 602 -1.22 16.41 -16.67
C PRO A 602 -1.44 15.84 -18.08
N TRP A 603 -1.14 14.56 -18.29
CA TRP A 603 -1.46 13.90 -19.55
C TRP A 603 -2.62 12.91 -19.39
N ASN A 604 -3.54 13.20 -18.47
CA ASN A 604 -4.67 12.32 -18.24
C ASN A 604 -5.70 12.47 -19.36
N GLY A 605 -6.63 11.54 -19.42
CA GLY A 605 -7.65 11.56 -20.44
C GLY A 605 -8.78 10.57 -20.20
N THR A 606 -10.01 11.08 -20.16
CA THR A 606 -11.19 10.24 -20.12
C THR A 606 -11.62 9.92 -21.55
N GLY A 607 -11.79 8.63 -21.84
CA GLY A 607 -12.06 8.18 -23.18
C GLY A 607 -10.80 7.72 -23.89
N SER A 608 -11.01 7.09 -25.04
CA SER A 608 -9.91 6.54 -25.81
C SER A 608 -9.12 7.64 -26.51
N GLY A 609 -7.91 7.29 -26.93
CA GLY A 609 -7.08 8.22 -27.67
C GLY A 609 -5.83 8.57 -26.88
N ALA A 610 -4.72 8.73 -27.61
CA ALA A 610 -3.48 9.16 -26.98
C ALA A 610 -3.56 10.62 -26.55
N VAL A 611 -2.91 10.92 -25.44
CA VAL A 611 -2.78 12.30 -24.95
C VAL A 611 -1.37 12.76 -25.30
N GLY A 612 -1.27 13.63 -26.31
CA GLY A 612 0.03 14.01 -26.83
C GLY A 612 0.52 13.00 -27.85
N SER A 613 1.81 13.12 -28.18
CA SER A 613 2.40 12.20 -29.14
C SER A 613 2.64 10.84 -28.49
N TRP A 614 2.37 9.79 -29.26
CA TRP A 614 2.59 8.42 -28.82
C TRP A 614 4.08 8.08 -28.92
N PRO A 615 4.64 7.39 -27.91
CA PRO A 615 4.01 6.85 -26.71
C PRO A 615 3.69 7.91 -25.65
N SER A 616 2.45 7.91 -25.17
CA SER A 616 1.96 8.88 -24.20
C SER A 616 2.28 8.42 -22.78
N PRO A 617 2.41 9.36 -21.85
CA PRO A 617 2.61 8.98 -20.44
C PRO A 617 1.51 8.06 -19.95
N LYS A 618 1.89 6.97 -19.29
CA LYS A 618 0.94 5.94 -18.89
C LYS A 618 0.91 5.65 -17.41
N ASN A 619 1.81 6.23 -16.60
CA ASN A 619 1.67 6.15 -15.15
C ASN A 619 1.74 7.55 -14.56
N SER A 620 1.48 7.64 -13.26
CA SER A 620 1.23 8.92 -12.62
C SER A 620 2.54 9.67 -12.36
N TYR A 621 2.38 10.94 -11.98
CA TYR A 621 3.47 11.79 -11.54
C TYR A 621 3.30 12.25 -10.09
N PHE A 622 2.23 11.82 -9.41
CA PHE A 622 1.93 12.30 -8.07
C PHE A 622 2.86 11.72 -7.02
N GLY A 623 3.48 10.58 -7.28
CA GLY A 623 4.15 9.84 -6.23
C GLY A 623 5.41 10.55 -5.74
N ILE A 624 5.64 10.46 -4.42
CA ILE A 624 6.92 10.86 -3.86
C ILE A 624 8.01 9.90 -4.31
N VAL A 625 7.67 8.63 -4.47
CA VAL A 625 8.56 7.59 -4.98
C VAL A 625 8.00 7.13 -6.32
N ASP A 626 8.90 6.81 -7.25
CA ASP A 626 8.42 6.38 -8.56
C ASP A 626 8.03 4.90 -8.51
N THR A 627 7.51 4.38 -9.63
CA THR A 627 6.95 3.04 -9.62
C THR A 627 8.02 1.99 -9.33
N ALA A 628 9.28 2.28 -9.67
CA ALA A 628 10.38 1.35 -9.43
C ALA A 628 10.87 1.37 -7.98
N GLY A 629 10.30 2.20 -7.12
CA GLY A 629 10.81 2.30 -5.77
C GLY A 629 11.95 3.29 -5.61
N PHE A 630 12.25 4.07 -6.65
CA PHE A 630 13.33 5.05 -6.59
C PHE A 630 12.77 6.38 -6.12
N PRO A 631 13.25 6.92 -5.01
CA PRO A 631 12.67 8.18 -4.52
C PRO A 631 13.01 9.35 -5.45
N LYS A 632 12.05 10.25 -5.57
CA LYS A 632 12.29 11.55 -6.17
C LYS A 632 12.94 12.46 -5.14
N ASP A 633 13.27 13.69 -5.55
CA ASP A 633 13.99 14.58 -4.65
C ASP A 633 13.14 15.01 -3.46
N THR A 634 11.83 15.18 -3.66
CA THR A 634 10.96 15.61 -2.57
C THR A 634 10.81 14.53 -1.49
N TYR A 635 11.23 13.30 -1.76
CA TYR A 635 11.31 12.28 -0.73
C TYR A 635 12.12 12.76 0.46
N TYR A 636 13.22 13.47 0.20
CA TYR A 636 14.07 13.92 1.29
C TYR A 636 13.56 15.18 1.97
N PHE A 637 12.73 15.98 1.30
CA PHE A 637 12.01 17.03 2.02
C PHE A 637 11.12 16.42 3.10
N TYR A 638 10.27 15.47 2.70
CA TYR A 638 9.41 14.80 3.67
C TYR A 638 10.21 14.14 4.78
N GLN A 639 11.33 13.51 4.42
CA GLN A 639 12.15 12.85 5.43
C GLN A 639 12.72 13.85 6.43
N SER A 640 13.10 15.04 5.95
CA SER A 640 13.55 16.09 6.85
C SER A 640 12.43 16.58 7.76
N GLN A 641 11.18 16.41 7.34
CA GLN A 641 10.03 16.85 8.13
C GLN A 641 9.50 15.77 9.05
N TRP A 642 9.59 14.50 8.65
CA TRP A 642 8.83 13.42 9.29
C TRP A 642 9.67 12.42 10.05
N ASN A 643 10.88 12.10 9.59
CA ASN A 643 11.64 11.01 10.18
C ASN A 643 12.54 11.57 11.27
N ASP A 644 12.15 11.36 12.52
CA ASP A 644 12.94 11.81 13.67
C ASP A 644 13.97 10.79 14.13
N ASP A 645 14.12 9.67 13.41
CA ASP A 645 15.12 8.66 13.72
C ASP A 645 16.37 8.78 12.86
N VAL A 646 16.35 9.63 11.82
CA VAL A 646 17.49 9.83 10.94
C VAL A 646 17.69 11.33 10.75
N HIS A 647 18.86 11.69 10.22
CA HIS A 647 19.15 13.06 9.83
C HIS A 647 19.21 13.13 8.31
N THR A 648 18.70 14.23 7.75
CA THR A 648 18.59 14.40 6.32
C THR A 648 19.45 15.58 5.87
N LEU A 649 20.16 15.40 4.75
CA LEU A 649 20.93 16.48 4.14
C LEU A 649 21.00 16.18 2.64
N HIS A 650 20.14 16.83 1.87
CA HIS A 650 19.95 16.48 0.47
C HIS A 650 20.02 17.72 -0.40
N ILE A 651 20.83 17.67 -1.44
CA ILE A 651 21.01 18.78 -2.38
C ILE A 651 20.45 18.38 -3.73
N LEU A 652 19.64 19.25 -4.31
CA LEU A 652 19.35 19.23 -5.74
C LEU A 652 19.74 20.57 -6.34
N PRO A 653 20.11 20.62 -7.62
CA PRO A 653 20.08 19.57 -8.65
C PRO A 653 21.38 18.76 -8.73
N ALA A 654 21.39 17.75 -9.60
CA ALA A 654 22.64 17.14 -10.01
C ALA A 654 23.45 18.18 -10.80
N TRP A 655 24.76 18.14 -10.63
CA TRP A 655 25.61 19.27 -11.03
C TRP A 655 26.31 19.03 -12.37
N ASN A 656 25.56 18.64 -13.40
CA ASN A 656 26.05 18.59 -14.77
C ASN A 656 25.44 19.71 -15.60
N GLU A 657 26.23 20.31 -16.48
CA GLU A 657 25.78 21.51 -17.19
C GLU A 657 24.57 21.21 -18.07
N ASN A 658 24.52 20.03 -18.68
CA ASN A 658 23.44 19.72 -19.60
C ASN A 658 22.14 19.34 -18.91
N VAL A 659 22.10 19.30 -17.57
CA VAL A 659 20.87 18.99 -16.86
C VAL A 659 20.39 20.13 -15.97
N VAL A 660 21.24 21.11 -15.64
CA VAL A 660 20.81 22.17 -14.72
C VAL A 660 20.03 23.23 -15.48
N ALA A 661 19.32 24.07 -14.73
CA ALA A 661 18.59 25.20 -15.27
C ALA A 661 19.36 26.48 -14.95
N LYS A 662 19.68 27.25 -15.98
CA LYS A 662 20.38 28.52 -15.81
C LYS A 662 19.34 29.65 -15.88
N GLY A 663 19.17 30.35 -14.78
CA GLY A 663 18.29 31.49 -14.70
C GLY A 663 19.03 32.78 -14.98
N SER A 664 18.61 33.84 -14.29
CA SER A 664 19.26 35.13 -14.45
C SER A 664 20.69 35.07 -13.93
N GLY A 665 21.60 35.67 -14.69
CA GLY A 665 23.01 35.65 -14.33
C GLY A 665 23.67 34.30 -14.44
N ASN A 666 23.07 33.37 -15.20
CA ASN A 666 23.54 31.99 -15.30
C ASN A 666 23.69 31.34 -13.92
N ASN A 667 22.76 31.68 -13.01
CA ASN A 667 22.73 31.08 -11.69
C ASN A 667 21.79 29.89 -11.68
N VAL A 668 22.17 28.85 -10.94
CA VAL A 668 21.40 27.63 -10.83
C VAL A 668 20.76 27.59 -9.44
N PRO A 669 19.44 27.45 -9.35
CA PRO A 669 18.79 27.35 -8.02
C PRO A 669 19.18 26.04 -7.34
N VAL A 670 19.82 26.16 -6.19
CA VAL A 670 20.25 25.01 -5.40
C VAL A 670 19.34 24.92 -4.19
N VAL A 671 18.72 23.76 -4.01
CA VAL A 671 17.79 23.52 -2.91
C VAL A 671 18.42 22.51 -1.96
N VAL A 672 18.29 22.77 -0.66
CA VAL A 672 18.77 21.86 0.38
C VAL A 672 17.58 21.47 1.25
N TYR A 673 17.31 20.17 1.33
CA TYR A 673 16.37 19.60 2.28
C TYR A 673 17.16 19.04 3.46
N THR A 674 16.79 19.43 4.68
CA THR A 674 17.54 19.02 5.85
C THR A 674 16.72 19.24 7.10
N ASP A 675 17.04 18.48 8.14
CA ASP A 675 16.46 18.69 9.46
C ASP A 675 17.44 19.34 10.43
N ALA A 676 18.65 19.65 9.99
CA ALA A 676 19.63 20.29 10.85
C ALA A 676 19.22 21.72 11.17
N ALA A 677 19.82 22.25 12.23
CA ALA A 677 19.54 23.63 12.63
C ALA A 677 20.22 24.63 11.71
N LYS A 678 21.43 24.32 11.21
CA LYS A 678 22.18 25.23 10.35
C LYS A 678 22.88 24.43 9.26
N VAL A 679 23.02 25.06 8.10
CA VAL A 679 23.69 24.46 6.95
C VAL A 679 24.72 25.44 6.41
N LYS A 680 25.93 24.93 6.17
CA LYS A 680 26.97 25.68 5.47
C LYS A 680 27.16 25.07 4.09
N LEU A 681 27.07 25.89 3.06
CA LEU A 681 27.19 25.45 1.67
C LEU A 681 28.59 25.79 1.16
N TYR A 682 29.19 24.85 0.44
CA TYR A 682 30.54 25.01 -0.09
C TYR A 682 30.56 24.70 -1.57
N PHE A 683 31.62 25.17 -2.24
CA PHE A 683 31.87 24.83 -3.63
C PHE A 683 33.34 24.50 -3.81
N THR A 684 33.61 23.38 -4.48
CA THR A 684 34.99 22.97 -4.77
C THR A 684 35.18 22.95 -6.28
N PRO A 685 36.04 23.81 -6.83
CA PRO A 685 36.24 23.81 -8.29
C PRO A 685 36.74 22.46 -8.79
N LYS A 686 36.42 22.17 -10.04
CA LYS A 686 36.86 20.94 -10.69
C LYS A 686 38.38 20.83 -10.63
N GLY A 687 38.87 19.71 -10.13
CA GLY A 687 40.30 19.50 -10.00
C GLY A 687 40.93 20.21 -8.83
N SER A 688 40.17 20.43 -7.76
CA SER A 688 40.68 21.07 -6.55
C SER A 688 40.29 20.23 -5.34
N THR A 689 41.13 20.30 -4.31
CA THR A 689 40.87 19.57 -3.07
C THR A 689 40.44 20.49 -1.93
N GLU A 690 40.24 21.77 -2.20
CA GLU A 690 39.91 22.77 -1.18
C GLU A 690 38.55 23.38 -1.48
N LYS A 691 37.67 23.38 -0.49
CA LYS A 691 36.33 23.92 -0.63
C LYS A 691 36.26 25.31 -0.02
N ARG A 692 35.40 26.15 -0.59
CA ARG A 692 35.21 27.52 -0.13
C ARG A 692 33.75 27.74 0.24
N LEU A 693 33.54 28.48 1.33
CA LEU A 693 32.18 28.74 1.81
C LEU A 693 31.45 29.67 0.84
N ILE A 694 30.21 29.33 0.50
CA ILE A 694 29.44 30.13 -0.43
C ILE A 694 28.09 30.47 0.17
N GLY A 695 27.93 30.27 1.47
CA GLY A 695 26.68 30.59 2.11
C GLY A 695 26.47 29.77 3.36
N GLU A 696 25.61 30.29 4.23
CA GLU A 696 25.31 29.68 5.53
C GLU A 696 23.96 30.18 5.98
N LYS A 697 23.06 29.26 6.35
CA LYS A 697 21.70 29.61 6.75
C LYS A 697 21.27 28.76 7.93
N SER A 698 20.59 29.39 8.89
CA SER A 698 20.10 28.74 10.09
C SER A 698 18.58 28.71 10.09
N PHE A 699 18.03 27.60 10.58
CA PHE A 699 16.59 27.45 10.74
C PHE A 699 16.13 28.01 12.07
N THR A 700 14.90 28.52 12.08
CA THR A 700 14.21 28.90 13.32
C THR A 700 13.24 27.78 13.69
N LYS A 701 13.28 27.35 14.95
CA LYS A 701 12.43 26.27 15.42
C LYS A 701 11.16 26.82 16.03
N LYS A 702 10.01 26.31 15.59
CA LYS A 702 8.71 26.69 16.10
C LYS A 702 8.07 25.50 16.82
N THR A 703 7.32 25.81 17.88
CA THR A 703 6.65 24.80 18.68
C THR A 703 5.17 25.15 18.80
N THR A 704 4.30 24.16 18.59
CA THR A 704 2.88 24.37 18.72
C THR A 704 2.44 24.18 20.17
N ALA A 705 1.16 24.45 20.44
CA ALA A 705 0.64 24.29 21.79
C ALA A 705 0.67 22.83 22.24
N ALA A 706 0.41 21.91 21.32
CA ALA A 706 0.45 20.48 21.65
C ALA A 706 1.88 19.96 21.81
N GLY A 707 2.88 20.72 21.36
CA GLY A 707 4.27 20.33 21.54
C GLY A 707 4.98 19.88 20.28
N TYR A 708 4.30 19.85 19.13
CA TYR A 708 4.97 19.51 17.89
C TYR A 708 5.92 20.63 17.48
N THR A 709 7.09 20.26 16.96
CA THR A 709 8.09 21.23 16.54
C THR A 709 8.37 21.08 15.05
N TYR A 710 8.64 22.22 14.41
CA TYR A 710 9.01 22.26 13.00
C TYR A 710 9.95 23.44 12.80
N GLN A 711 10.64 23.44 11.65
CA GLN A 711 11.65 24.45 11.36
C GLN A 711 11.26 25.27 10.13
N VAL A 712 11.58 26.56 10.17
CA VAL A 712 11.33 27.48 9.07
C VAL A 712 12.48 28.48 9.01
N TYR A 713 12.84 28.90 7.81
CA TYR A 713 13.94 29.83 7.61
C TYR A 713 13.41 31.26 7.63
N GLU A 714 13.93 32.07 8.55
CA GLU A 714 13.47 33.45 8.72
C GLU A 714 14.58 34.47 8.47
N GLY A 715 15.62 34.08 7.72
CA GLY A 715 16.72 34.98 7.45
C GLY A 715 16.31 36.16 6.59
N SER A 716 17.26 37.09 6.43
CA SER A 716 16.99 38.31 5.68
C SER A 716 16.60 38.01 4.24
N ASP A 717 17.25 37.02 3.62
CA ASP A 717 16.98 36.64 2.25
C ASP A 717 15.96 35.53 2.12
N LYS A 718 15.02 35.42 3.06
CA LYS A 718 14.02 34.37 3.01
C LYS A 718 13.09 34.57 1.83
N ASP A 719 12.42 33.49 1.43
CA ASP A 719 11.45 33.56 0.35
C ASP A 719 10.20 34.30 0.83
N SER A 720 9.58 35.04 -0.09
CA SER A 720 8.37 35.78 0.26
C SER A 720 7.17 34.87 0.46
N THR A 721 7.22 33.64 -0.06
CA THR A 721 6.21 32.64 0.22
C THR A 721 6.66 31.81 1.42
N ALA A 722 5.89 31.88 2.51
CA ALA A 722 6.35 31.35 3.79
C ALA A 722 6.64 29.86 3.72
N HIS A 723 5.79 29.08 3.03
CA HIS A 723 5.95 27.63 3.06
C HIS A 723 7.23 27.19 2.35
N LYS A 724 7.72 27.97 1.38
CA LYS A 724 8.97 27.62 0.71
C LYS A 724 10.17 27.74 1.65
N ASN A 725 10.00 28.42 2.79
CA ASN A 725 11.05 28.54 3.78
C ASN A 725 11.12 27.35 4.73
N MET A 726 10.41 26.26 4.43
CA MET A 726 10.66 25.00 5.14
C MET A 726 11.91 24.30 4.61
N TYR A 727 12.52 24.83 3.55
CA TYR A 727 13.81 24.35 3.05
C TYR A 727 14.65 25.56 2.67
N LEU A 728 15.90 25.28 2.28
CA LEU A 728 16.88 26.32 2.01
C LEU A 728 17.19 26.38 0.52
N THR A 729 17.44 27.60 0.04
CA THR A 729 17.69 27.83 -1.39
C THR A 729 18.86 28.79 -1.56
N TRP A 730 19.78 28.45 -2.46
CA TRP A 730 20.86 29.33 -2.88
C TRP A 730 20.85 29.43 -4.40
N ASN A 731 21.23 30.61 -4.89
CA ASN A 731 21.47 30.81 -6.32
C ASN A 731 22.98 30.80 -6.52
N VAL A 732 23.48 29.76 -7.18
CA VAL A 732 24.90 29.50 -7.31
C VAL A 732 25.26 29.55 -8.79
N PRO A 733 26.28 30.31 -9.18
CA PRO A 733 26.69 30.31 -10.60
C PRO A 733 27.21 28.94 -11.01
N TRP A 734 26.88 28.55 -12.24
CA TRP A 734 27.32 27.25 -12.72
C TRP A 734 28.82 27.23 -12.96
N ALA A 735 29.46 26.15 -12.53
CA ALA A 735 30.86 25.86 -12.83
C ALA A 735 31.12 24.40 -12.48
N GLU A 736 31.92 23.72 -13.30
CA GLU A 736 32.26 22.33 -13.03
C GLU A 736 32.92 22.21 -11.66
N GLY A 737 32.49 21.23 -10.89
CA GLY A 737 33.05 21.02 -9.58
C GLY A 737 32.03 20.33 -8.68
N THR A 738 32.09 20.69 -7.39
CA THR A 738 31.31 20.02 -6.36
C THR A 738 30.66 21.04 -5.44
N ILE A 739 29.36 20.91 -5.25
CA ILE A 739 28.62 21.64 -4.21
C ILE A 739 28.38 20.68 -3.07
N SER A 740 28.89 21.00 -1.89
CA SER A 740 28.74 20.15 -0.72
C SER A 740 28.15 20.96 0.42
N ALA A 741 27.54 20.25 1.37
CA ALA A 741 26.84 20.87 2.48
C ALA A 741 27.26 20.22 3.79
N GLU A 742 27.40 21.05 4.83
CA GLU A 742 27.66 20.60 6.18
C GLU A 742 26.49 20.95 7.07
N ALA A 743 26.12 20.04 7.97
CA ALA A 743 24.98 20.21 8.85
C ALA A 743 25.46 20.47 10.28
N TYR A 744 24.84 21.46 10.92
CA TYR A 744 25.14 21.80 12.31
C TYR A 744 23.88 21.69 13.15
N ASP A 745 24.04 21.30 14.41
CA ASP A 745 22.92 21.09 15.31
C ASP A 745 22.57 22.40 16.02
N GLU A 746 21.69 22.31 17.02
CA GLU A 746 21.27 23.51 17.75
C GLU A 746 22.41 24.11 18.56
N ASN A 747 23.36 23.29 18.98
CA ASN A 747 24.54 23.79 19.68
C ASN A 747 25.62 24.32 18.73
N ASN A 748 25.28 24.52 17.45
CA ASN A 748 26.19 25.09 16.47
C ASN A 748 27.44 24.21 16.32
N ARG A 749 27.24 22.90 16.30
CA ARG A 749 28.34 21.95 16.16
C ARG A 749 28.04 20.96 15.06
N LEU A 750 29.12 20.42 14.47
CA LEU A 750 29.01 19.66 13.24
C LEU A 750 28.35 18.31 13.46
N ILE A 751 27.50 17.91 12.51
CA ILE A 751 26.92 16.57 12.46
C ILE A 751 27.82 15.71 11.58
N PRO A 752 28.23 14.53 12.04
CA PRO A 752 29.23 13.74 11.29
C PRO A 752 28.76 13.43 9.88
N GLU A 753 29.60 13.78 8.90
CA GLU A 753 29.26 13.57 7.51
C GLU A 753 29.20 12.08 7.19
N GLY A 754 28.37 11.73 6.21
CA GLY A 754 28.14 10.36 5.84
C GLY A 754 27.12 9.62 6.69
N SER A 755 26.79 10.16 7.87
CA SER A 755 25.80 9.55 8.76
C SER A 755 24.38 10.03 8.50
N THR A 756 24.19 10.93 7.54
CA THR A 756 22.87 11.44 7.18
C THR A 756 22.40 10.81 5.87
N GLU A 757 21.11 10.98 5.59
CA GLU A 757 20.49 10.44 4.39
C GLU A 757 20.35 11.52 3.33
N GLY A 758 20.52 11.13 2.07
CA GLY A 758 20.43 12.06 0.95
C GLY A 758 21.80 12.39 0.39
N ASN A 759 21.77 13.16 -0.70
CA ASN A 759 23.00 13.56 -1.38
C ASN A 759 23.56 14.80 -0.69
N ALA A 760 24.50 14.58 0.23
CA ALA A 760 25.15 15.71 0.90
C ALA A 760 26.06 16.49 -0.03
N SER A 761 26.26 16.01 -1.26
CA SER A 761 27.07 16.74 -2.24
C SER A 761 26.63 16.30 -3.63
N VAL A 762 26.90 17.17 -4.60
CA VAL A 762 26.66 16.92 -6.01
C VAL A 762 27.87 17.38 -6.78
N THR A 763 28.33 16.56 -7.73
CA THR A 763 29.55 16.83 -8.48
C THR A 763 29.30 16.65 -9.96
N THR A 764 30.08 17.38 -10.77
CA THR A 764 30.04 17.21 -12.21
C THR A 764 30.64 15.86 -12.57
N THR A 765 29.87 15.01 -13.24
CA THR A 765 30.30 13.66 -13.58
C THR A 765 30.93 13.62 -14.97
N GLY A 766 31.73 12.59 -15.19
CA GLY A 766 32.21 12.26 -16.52
C GLY A 766 31.15 11.50 -17.30
N LYS A 767 31.56 11.00 -18.46
CA LYS A 767 30.66 10.23 -19.29
C LYS A 767 30.40 8.85 -18.69
N ALA A 768 29.30 8.22 -19.12
CA ALA A 768 28.93 6.91 -18.62
C ALA A 768 30.03 5.90 -18.91
N ALA A 769 30.39 5.12 -17.90
CA ALA A 769 31.49 4.17 -18.03
C ALA A 769 31.14 2.77 -17.54
N LYS A 770 30.33 2.64 -16.49
CA LYS A 770 30.07 1.33 -15.93
C LYS A 770 28.72 1.30 -15.24
N LEU A 771 28.21 0.08 -15.07
CA LEU A 771 26.98 -0.16 -14.34
C LEU A 771 27.31 -0.62 -12.93
N LYS A 772 26.48 -0.23 -11.97
CA LYS A 772 26.60 -0.67 -10.58
C LYS A 772 25.27 -1.31 -10.18
N ALA A 773 25.28 -2.63 -10.04
CA ALA A 773 24.10 -3.37 -9.64
C ALA A 773 24.19 -3.72 -8.16
N ASP A 774 23.03 -3.71 -7.49
CA ASP A 774 22.96 -4.09 -6.08
C ASP A 774 21.58 -4.66 -5.78
N ALA A 775 21.56 -5.86 -5.22
CA ALA A 775 20.32 -6.50 -4.78
C ALA A 775 19.99 -6.03 -3.37
N ASP A 776 18.73 -5.62 -3.16
CA ASP A 776 18.35 -5.15 -1.83
C ASP A 776 18.45 -6.27 -0.81
N ARG A 777 18.15 -7.51 -1.21
CA ARG A 777 18.28 -8.68 -0.35
C ARG A 777 19.09 -9.73 -1.09
N LYS A 778 20.21 -10.14 -0.51
CA LYS A 778 21.11 -11.10 -1.13
C LYS A 778 20.76 -12.55 -0.79
N THR A 779 19.74 -12.77 0.02
CA THR A 779 19.22 -14.11 0.27
C THR A 779 17.71 -14.01 0.42
N ILE A 780 16.99 -14.83 -0.37
CA ILE A 780 15.53 -14.82 -0.39
C ILE A 780 15.04 -16.25 -0.23
N THR A 781 13.74 -16.38 0.02
CA THR A 781 13.13 -17.69 0.27
C THR A 781 12.77 -18.36 -1.06
N ALA A 782 13.15 -19.63 -1.19
CA ALA A 782 12.85 -20.42 -2.39
C ALA A 782 11.44 -21.00 -2.29
N ASP A 783 10.45 -20.10 -2.40
CA ASP A 783 9.05 -20.49 -2.34
C ASP A 783 8.29 -20.10 -3.61
N GLY A 784 8.97 -19.61 -4.63
CA GLY A 784 8.28 -19.14 -5.82
C GLY A 784 7.51 -17.86 -5.63
N LYS A 785 7.66 -17.19 -4.48
CA LYS A 785 7.00 -15.92 -4.20
C LYS A 785 7.97 -14.80 -3.88
N ASP A 786 9.05 -15.10 -3.16
CA ASP A 786 9.92 -14.06 -2.63
C ASP A 786 10.67 -13.37 -3.77
N LEU A 787 10.90 -12.07 -3.61
CA LEU A 787 11.49 -11.23 -4.64
C LEU A 787 12.81 -10.63 -4.15
N SER A 788 13.69 -10.34 -5.10
CA SER A 788 14.88 -9.53 -4.84
C SER A 788 14.90 -8.37 -5.84
N TYR A 789 15.04 -7.15 -5.32
CA TYR A 789 15.02 -5.95 -6.14
C TYR A 789 16.45 -5.52 -6.41
N ILE A 790 16.81 -5.45 -7.69
CA ILE A 790 18.17 -5.15 -8.11
C ILE A 790 18.15 -3.78 -8.78
N GLU A 791 18.59 -2.76 -8.06
CA GLU A 791 18.78 -1.45 -8.64
C GLU A 791 20.11 -1.43 -9.39
N VAL A 792 20.11 -0.90 -10.61
CA VAL A 792 21.32 -0.72 -11.40
C VAL A 792 21.47 0.76 -11.71
N ASP A 793 22.66 1.31 -11.42
CA ASP A 793 22.98 2.70 -11.69
C ASP A 793 24.00 2.81 -12.80
N VAL A 794 23.81 3.80 -13.67
CA VAL A 794 24.82 4.13 -14.68
C VAL A 794 25.75 5.18 -14.09
N THR A 795 27.03 4.85 -14.02
CA THR A 795 28.00 5.72 -13.36
C THR A 795 29.17 6.01 -14.29
N ASP A 796 29.88 7.10 -13.98
CA ASP A 796 31.11 7.40 -14.67
C ASP A 796 32.23 6.53 -14.10
N ALA A 797 33.46 6.77 -14.57
CA ALA A 797 34.60 5.96 -14.14
C ALA A 797 34.86 6.07 -12.65
N ASN A 798 34.35 7.12 -11.99
CA ASN A 798 34.57 7.32 -10.57
C ASN A 798 33.34 6.99 -9.73
N GLY A 799 32.34 6.34 -10.31
CA GLY A 799 31.20 5.87 -9.56
C GLY A 799 30.08 6.87 -9.35
N HIS A 800 30.21 8.09 -9.89
CA HIS A 800 29.13 9.06 -9.78
C HIS A 800 28.03 8.73 -10.79
N ILE A 801 26.78 8.74 -10.33
CA ILE A 801 25.66 8.46 -11.20
C ILE A 801 25.56 9.54 -12.28
N VAL A 802 25.50 9.11 -13.54
CA VAL A 802 25.31 10.04 -14.65
C VAL A 802 23.85 10.47 -14.63
N PRO A 803 23.55 11.73 -14.33
CA PRO A 803 22.17 12.09 -13.95
C PRO A 803 21.15 11.93 -15.05
N ASP A 804 21.54 12.05 -16.32
CA ASP A 804 20.59 11.93 -17.42
C ASP A 804 20.74 10.63 -18.21
N ALA A 805 21.53 9.68 -17.72
CA ALA A 805 21.84 8.49 -18.50
C ALA A 805 20.59 7.67 -18.78
N ALA A 806 20.47 7.20 -20.03
CA ALA A 806 19.32 6.43 -20.46
C ALA A 806 19.74 5.18 -21.23
N ASN A 807 20.95 4.69 -20.97
CA ASN A 807 21.45 3.50 -21.67
C ASN A 807 20.51 2.32 -21.48
N ARG A 808 20.29 1.57 -22.56
CA ARG A 808 19.51 0.34 -22.46
C ARG A 808 20.32 -0.71 -21.73
N VAL A 809 19.79 -1.20 -20.61
CA VAL A 809 20.45 -2.22 -19.80
C VAL A 809 19.77 -3.55 -20.05
N THR A 810 20.57 -4.58 -20.30
CA THR A 810 20.06 -5.94 -20.50
C THR A 810 20.39 -6.77 -19.27
N PHE A 811 19.43 -7.58 -18.84
CA PHE A 811 19.58 -8.42 -17.65
C PHE A 811 19.63 -9.89 -18.07
N ASP A 812 20.71 -10.56 -17.70
CA ASP A 812 20.86 -12.00 -17.89
C ASP A 812 20.65 -12.67 -16.53
N VAL A 813 19.54 -13.38 -16.38
CA VAL A 813 19.18 -14.04 -15.13
C VAL A 813 19.37 -15.53 -15.30
N LYS A 814 20.26 -16.12 -14.49
CA LYS A 814 20.57 -17.54 -14.54
C LYS A 814 20.44 -18.11 -13.13
N GLY A 815 20.10 -19.40 -13.06
CA GLY A 815 20.01 -20.09 -11.79
C GLY A 815 18.60 -20.32 -11.29
N ALA A 816 18.44 -20.41 -9.97
CA ALA A 816 17.17 -20.79 -9.36
C ALA A 816 16.27 -19.57 -9.15
N GLY A 817 16.00 -18.88 -10.24
CA GLY A 817 15.13 -17.70 -10.19
C GLY A 817 14.74 -17.26 -11.58
N LYS A 818 13.85 -16.27 -11.62
CA LYS A 818 13.32 -15.76 -12.88
C LYS A 818 13.15 -14.26 -12.80
N LEU A 819 13.40 -13.59 -13.92
CA LEU A 819 13.10 -12.17 -14.05
C LEU A 819 11.60 -11.98 -14.23
N VAL A 820 10.96 -11.24 -13.33
CA VAL A 820 9.52 -11.02 -13.39
C VAL A 820 9.16 -9.58 -13.70
N GLY A 821 10.12 -8.66 -13.73
CA GLY A 821 9.83 -7.29 -14.09
C GLY A 821 11.06 -6.42 -14.22
N VAL A 822 10.98 -5.42 -15.11
CA VAL A 822 12.00 -4.39 -15.26
C VAL A 822 11.30 -3.04 -15.24
N ASP A 823 11.96 -2.04 -14.64
CA ASP A 823 11.27 -0.76 -14.46
C ASP A 823 12.29 0.37 -14.36
N ASN A 824 11.89 1.54 -14.86
CA ASN A 824 12.67 2.76 -14.67
C ASN A 824 11.82 3.91 -14.13
N GLY A 825 10.53 3.69 -13.90
CA GLY A 825 9.66 4.72 -13.37
C GLY A 825 9.27 5.79 -14.35
N SER A 826 9.77 5.75 -15.59
CA SER A 826 9.49 6.80 -16.56
C SER A 826 8.08 6.62 -17.11
N SER A 827 7.24 7.63 -16.90
CA SER A 827 5.83 7.55 -17.30
C SER A 827 5.64 7.25 -18.79
N PRO A 828 6.31 7.92 -19.73
CA PRO A 828 6.03 7.65 -21.14
C PRO A 828 6.76 6.46 -21.74
N ASP A 829 7.48 5.67 -20.94
CA ASP A 829 8.17 4.50 -21.46
C ASP A 829 7.18 3.35 -21.62
N HIS A 830 7.01 2.87 -22.85
CA HIS A 830 6.07 1.80 -23.14
C HIS A 830 6.74 0.45 -23.38
N ASP A 831 8.04 0.34 -23.13
CA ASP A 831 8.71 -0.95 -23.26
C ASP A 831 8.10 -1.94 -22.28
N SER A 832 8.08 -3.20 -22.69
CA SER A 832 7.39 -4.23 -21.91
C SER A 832 8.03 -4.41 -20.55
N TYR A 833 7.20 -4.39 -19.50
CA TYR A 833 7.68 -4.73 -18.16
C TYR A 833 8.23 -6.15 -18.09
N GLN A 834 7.85 -7.02 -19.02
CA GLN A 834 8.28 -8.41 -19.01
C GLN A 834 9.45 -8.67 -19.95
N ALA A 835 10.08 -7.63 -20.47
CA ALA A 835 11.27 -7.80 -21.28
C ALA A 835 12.49 -8.06 -20.39
N ASP A 836 13.57 -8.52 -21.01
CA ASP A 836 14.84 -8.69 -20.33
C ASP A 836 15.72 -7.44 -20.39
N ASN A 837 15.16 -6.31 -20.81
CA ASN A 837 15.95 -5.10 -20.98
C ASN A 837 15.04 -3.88 -20.86
N ARG A 838 15.66 -2.75 -20.53
CA ARG A 838 14.95 -1.49 -20.44
C ARG A 838 15.99 -0.37 -20.38
N LYS A 839 15.62 0.78 -20.94
CA LYS A 839 16.48 1.95 -20.81
C LYS A 839 16.46 2.44 -19.37
N ALA A 840 17.64 2.79 -18.86
CA ALA A 840 17.68 3.51 -17.59
C ALA A 840 16.99 4.86 -17.78
N PHE A 841 16.46 5.40 -16.69
CA PHE A 841 15.90 6.74 -16.69
C PHE A 841 16.53 7.52 -15.55
N SER A 842 17.07 8.69 -15.87
CA SER A 842 17.80 9.52 -14.90
C SER A 842 18.86 8.69 -14.18
N GLY A 843 19.55 7.84 -14.93
CA GLY A 843 20.69 7.10 -14.42
C GLY A 843 20.38 5.79 -13.72
N LYS A 844 19.11 5.39 -13.61
CA LYS A 844 18.75 4.22 -12.82
C LYS A 844 17.78 3.32 -13.58
N VAL A 845 17.88 2.02 -13.28
CA VAL A 845 16.96 1.01 -13.82
C VAL A 845 16.83 -0.10 -12.78
N LEU A 846 15.68 -0.77 -12.77
CA LEU A 846 15.36 -1.77 -11.76
C LEU A 846 15.07 -3.12 -12.41
N ALA A 847 15.56 -4.19 -11.78
CA ALA A 847 15.24 -5.56 -12.16
C ALA A 847 14.67 -6.28 -10.95
N ILE A 848 13.56 -6.98 -11.14
CA ILE A 848 12.91 -7.76 -10.08
C ILE A 848 13.04 -9.23 -10.44
N VAL A 849 13.69 -10.00 -9.57
CA VAL A 849 13.84 -11.44 -9.76
C VAL A 849 13.01 -12.15 -8.70
N GLN A 850 12.40 -13.26 -9.09
CA GLN A 850 11.59 -14.07 -8.20
C GLN A 850 12.24 -15.44 -8.05
N SER A 851 12.19 -15.98 -6.83
CA SER A 851 12.76 -17.29 -6.59
C SER A 851 11.92 -18.37 -7.28
N THR A 852 12.47 -19.58 -7.32
CA THR A 852 11.71 -20.77 -7.67
C THR A 852 11.34 -21.50 -6.39
N LYS A 853 10.91 -22.74 -6.52
CA LYS A 853 10.59 -23.58 -5.36
C LYS A 853 11.70 -24.56 -5.03
N GLU A 854 12.85 -24.43 -5.71
CA GLU A 854 14.06 -25.19 -5.40
C GLU A 854 15.12 -24.21 -4.89
N ALA A 855 15.75 -24.56 -3.78
CA ALA A 855 16.80 -23.71 -3.24
C ALA A 855 18.04 -23.74 -4.13
N GLY A 856 18.71 -22.61 -4.24
CA GLY A 856 19.90 -22.50 -5.08
C GLY A 856 20.50 -21.12 -5.09
N GLU A 857 21.06 -20.71 -6.23
CA GLU A 857 21.68 -19.40 -6.38
C GLU A 857 21.18 -18.76 -7.66
N ILE A 858 20.99 -17.44 -7.62
CA ILE A 858 20.57 -16.66 -8.78
C ILE A 858 21.71 -15.74 -9.17
N THR A 859 22.08 -15.76 -10.45
CA THR A 859 23.10 -14.86 -11.00
C THR A 859 22.42 -13.89 -11.95
N VAL A 860 22.61 -12.59 -11.71
CA VAL A 860 22.04 -11.54 -12.55
C VAL A 860 23.18 -10.67 -13.04
N THR A 861 23.36 -10.64 -14.36
CA THR A 861 24.34 -9.77 -15.00
C THR A 861 23.62 -8.66 -15.73
N ALA A 862 23.98 -7.41 -15.43
CA ALA A 862 23.43 -6.25 -16.11
C ALA A 862 24.46 -5.75 -17.12
N LYS A 863 24.04 -5.67 -18.39
CA LYS A 863 24.94 -5.33 -19.48
C LYS A 863 24.45 -4.08 -20.20
N ALA A 864 25.39 -3.35 -20.80
CA ALA A 864 25.08 -2.16 -21.58
C ALA A 864 26.21 -1.91 -22.56
N ASP A 865 25.85 -1.56 -23.79
CA ASP A 865 26.85 -1.35 -24.84
C ASP A 865 27.86 -0.29 -24.42
N GLY A 866 29.15 -0.65 -24.50
CA GLY A 866 30.22 0.26 -24.17
C GLY A 866 30.50 0.44 -22.71
N LEU A 867 29.65 -0.07 -21.82
CA LEU A 867 29.81 0.07 -20.38
C LEU A 867 30.31 -1.24 -19.78
N GLN A 868 30.93 -1.12 -18.60
CA GLN A 868 31.32 -2.30 -17.85
C GLN A 868 30.11 -2.93 -17.19
N SER A 869 30.02 -4.26 -17.27
CA SER A 869 28.89 -4.97 -16.72
C SER A 869 28.98 -5.04 -15.19
N SER A 870 27.86 -5.41 -14.58
CA SER A 870 27.81 -5.59 -13.13
C SER A 870 26.98 -6.84 -12.83
N THR A 871 27.48 -7.66 -11.92
CA THR A 871 26.88 -8.95 -11.62
C THR A 871 26.63 -9.07 -10.12
N VAL A 872 25.45 -9.55 -9.76
CA VAL A 872 25.09 -9.80 -8.37
C VAL A 872 24.64 -11.25 -8.24
N LYS A 873 24.75 -11.77 -7.01
CA LYS A 873 24.40 -13.15 -6.72
C LYS A 873 23.45 -13.19 -5.54
N ILE A 874 22.31 -13.85 -5.73
CA ILE A 874 21.28 -13.97 -4.70
C ILE A 874 21.11 -15.45 -4.37
N ALA A 875 21.25 -15.77 -3.08
CA ALA A 875 21.00 -17.13 -2.62
C ALA A 875 19.51 -17.30 -2.30
N THR A 876 19.01 -18.50 -2.55
CA THR A 876 17.65 -18.87 -2.20
C THR A 876 17.69 -20.03 -1.22
N THR A 877 16.88 -19.94 -0.17
CA THR A 877 16.88 -20.91 0.92
C THR A 877 15.54 -21.62 0.96
N ALA A 878 15.58 -22.95 1.06
CA ALA A 878 14.37 -23.75 1.05
C ALA A 878 13.46 -23.39 2.22
N VAL A 879 12.17 -23.65 2.04
CA VAL A 879 11.20 -23.47 3.11
C VAL A 879 11.34 -24.61 4.11
N PRO A 880 11.54 -24.34 5.40
CA PRO A 880 11.69 -25.39 6.41
C PRO A 880 10.42 -26.23 6.61
#